data_8R84
#
_entry.id   8R84
#
loop_
_entity.id
_entity.type
_entity.pdbx_description
1 polymer 'CD5 antigen-like'
2 polymer 'Ig-like domain-containing protein'
3 polymer 'Immunoglobulin J chain'
4 branched 2-acetamido-2-deoxy-beta-D-glucopyranose-(1-4)-2-acetamido-2-deoxy-beta-D-glucopyranose
5 non-polymer 'CALCIUM ION'
#
loop_
_entity_poly.entity_id
_entity_poly.type
_entity_poly.pdbx_seq_one_letter_code
_entity_poly.pdbx_strand_id
1 'polypeptide(L)'
;SPSGVRLVGGLHRCEGRVEVEQKGQWGTVCDDGWDIKDVAVLCRELGCGAASGTPSGILYEPPAEKEQKVLIQSVSCTGT
EDTLAQCEQEEVYDCSHDEDAGASCENPESSFSPVPEGVRLADGPGHCKGRVEVKHQNQWYTVCQTGWSLRAAKVVCRQL
GCGRAVLTQKRCNKHAYGRKPIWLSQMSCSGREATLQDCPSGPWGKNTCNHDEDTWVECEDPFDLRLVGGDNLCSGRLEV
LHKGVWGSVCDDNWGEKEDQVVCKQLGCGKSLSPSFRDRKCYGPGVGRIWLDNVRCSGEEQSLEQCQHRFWGFHDCTHQE
DVAVICSG
;
N
2 'polypeptide(L)'
;DYKDDDDKGSGSGIAELPPKVSVFVPPRDGFFGNPRKSKLICQATGFSPRQIQVSWLREGKQVGSGVTTDQVQAEAKESG
PTTYKVTSTLTIKESDWLSQSMFTCRVDHRGLTFQQNASSMCVPDQDTAIRVFAIPPSFASIFLTKSTKLTCLVTDLTTY
DSVTISWTRQNGEAVKTHTNISESHPNATFSAVGEASICEDDWNSGERFTCTVTHTDLPSPLKQTISRPKGVALHRPDVY
LLPPAREQLNLRESATITCLVTGFSPADVFVQWMQRGQPLSPEKYVTSAPMPEPQAPGRYFAHSILTVSEEEWNTGETYT
CVVAHEALPNRVTERTVDKSTGKPTLYNVSLVMSDTAGTCY
;
B,L,K,A
3 'polypeptide(L)'
;MKNHLLFWGVLAVFIKAVHVKAQEDERIVLVDNKCKCARITSRIIRSSEDPNEDIVERNIRIIVPLNNRENISDPTSPLR
TRFVYHLSDLCKKCDPTEVELDNQIVTATQSNICDEDSATETCYTYDRNKCYTAVVPLVYGGETKMVETALTPDACYPDE
QKLISEEDL
;
J
#
# COMPACT_ATOMS: atom_id res chain seq x y z
N SER A 113 2.20 51.16 -18.67
CA SER A 113 1.17 50.33 -18.06
C SER A 113 1.36 50.25 -16.54
N PRO A 114 0.24 50.16 -15.81
CA PRO A 114 0.33 50.07 -14.35
C PRO A 114 1.07 48.81 -13.91
N VAL A 115 1.79 48.94 -12.81
CA VAL A 115 2.52 47.84 -12.19
C VAL A 115 1.78 47.45 -10.92
N PRO A 116 1.39 46.18 -10.76
CA PRO A 116 0.61 45.79 -9.57
C PRO A 116 1.38 46.04 -8.28
N GLU A 117 0.79 46.87 -7.41
CA GLU A 117 1.38 47.08 -6.09
C GLU A 117 1.14 45.90 -5.17
N GLY A 118 0.07 45.14 -5.40
CA GLY A 118 -0.20 43.98 -4.59
C GLY A 118 -1.56 43.39 -4.95
N VAL A 119 -1.82 42.23 -4.39
CA VAL A 119 -3.12 41.57 -4.49
C VAL A 119 -3.69 41.42 -3.10
N ARG A 120 -5.02 41.47 -3.00
CA ARG A 120 -5.71 41.42 -1.72
C ARG A 120 -6.69 40.28 -1.57
N LEU A 121 -7.28 39.79 -2.66
CA LEU A 121 -8.23 38.67 -2.64
C LEU A 121 -9.43 38.99 -1.73
N ALA A 122 -10.17 40.03 -2.11
CA ALA A 122 -11.30 40.49 -1.32
C ALA A 122 -12.55 39.67 -1.66
N ASP A 123 -13.62 39.94 -0.91
CA ASP A 123 -14.93 39.31 -1.11
C ASP A 123 -14.86 37.79 -0.96
N GLY A 124 -14.00 37.29 -0.08
CA GLY A 124 -13.87 35.88 0.16
C GLY A 124 -13.65 35.55 1.62
N PRO A 125 -13.89 34.29 1.99
CA PRO A 125 -13.62 33.87 3.37
C PRO A 125 -12.12 33.92 3.67
N GLY A 126 -11.74 34.80 4.59
CA GLY A 126 -10.34 35.02 4.87
C GLY A 126 -9.67 35.77 3.72
N HIS A 127 -8.34 35.74 3.75
CA HIS A 127 -7.53 36.37 2.72
C HIS A 127 -6.80 35.37 1.85
N CYS A 128 -7.15 34.09 1.93
CA CYS A 128 -6.61 33.06 1.05
C CYS A 128 -7.64 32.56 0.04
N LYS A 129 -8.79 33.24 -0.05
CA LYS A 129 -9.87 32.84 -0.96
C LYS A 129 -10.65 34.09 -1.34
N GLY A 130 -11.11 34.13 -2.59
CA GLY A 130 -11.96 35.21 -3.03
C GLY A 130 -11.68 35.57 -4.47
N ARG A 131 -11.98 36.82 -4.79
CA ARG A 131 -11.81 37.35 -6.14
C ARG A 131 -10.45 38.02 -6.28
N VAL A 132 -9.81 37.81 -7.42
CA VAL A 132 -8.51 38.41 -7.69
C VAL A 132 -8.70 39.92 -7.86
N GLU A 133 -8.04 40.69 -6.99
CA GLU A 133 -8.14 42.17 -7.06
C GLU A 133 -6.75 42.78 -7.22
N VAL A 134 -6.33 43.05 -8.47
CA VAL A 134 -5.00 43.67 -8.73
C VAL A 134 -5.02 45.12 -8.26
N LYS A 135 -4.00 45.55 -7.52
CA LYS A 135 -3.94 46.95 -7.03
C LYS A 135 -3.45 47.85 -8.17
N HIS A 136 -4.38 48.57 -8.80
CA HIS A 136 -4.00 49.53 -9.87
C HIS A 136 -3.43 50.77 -9.17
N GLN A 137 -2.63 51.57 -9.86
CA GLN A 137 -2.13 52.84 -9.24
C GLN A 137 -3.35 53.54 -8.62
N ASN A 138 -3.21 54.00 -7.37
CA ASN A 138 -4.34 54.67 -6.67
C ASN A 138 -5.49 53.65 -6.52
N GLN A 139 -6.61 53.90 -7.20
CA GLN A 139 -7.80 53.00 -7.11
C GLN A 139 -7.45 51.64 -7.73
N TRP A 140 -7.97 50.55 -7.17
CA TRP A 140 -7.67 49.19 -7.68
C TRP A 140 -8.93 48.56 -8.29
N TYR A 141 -8.77 47.65 -9.26
CA TYR A 141 -9.94 47.07 -9.96
C TYR A 141 -9.79 45.54 -10.03
N THR A 142 -10.87 44.86 -10.43
CA THR A 142 -10.82 43.37 -10.58
C THR A 142 -10.25 43.03 -11.97
N VAL A 143 -9.67 41.84 -12.13
CA VAL A 143 -9.07 41.44 -13.43
C VAL A 143 -9.68 40.10 -13.88
N CYS A 144 -10.00 39.99 -15.18
CA CYS A 144 -10.54 38.70 -15.72
C CYS A 144 -9.79 38.36 -17.01
N GLN A 145 -8.46 38.19 -16.91
CA GLN A 145 -7.64 37.86 -18.10
C GLN A 145 -7.95 36.43 -18.58
N THR A 146 -7.93 36.19 -19.89
CA THR A 146 -8.19 34.83 -20.43
C THR A 146 -6.95 33.95 -20.21
N GLY A 147 -7.10 32.64 -20.40
CA GLY A 147 -5.98 31.70 -20.21
C GLY A 147 -5.48 31.72 -18.77
N TRP A 148 -6.37 32.01 -17.82
CA TRP A 148 -6.01 32.05 -16.41
C TRP A 148 -5.76 30.61 -15.93
N SER A 149 -4.53 30.15 -16.16
CA SER A 149 -4.12 28.83 -15.70
C SER A 149 -3.72 28.89 -14.23
N LEU A 150 -3.44 27.70 -13.68
CA LEU A 150 -3.01 27.61 -12.28
C LEU A 150 -1.65 28.26 -12.04
N ARG A 151 -0.86 28.48 -13.10
CA ARG A 151 0.44 29.09 -12.93
C ARG A 151 0.35 30.51 -12.39
N ALA A 152 -0.60 31.30 -12.91
CA ALA A 152 -0.78 32.65 -12.39
C ALA A 152 -1.38 32.63 -10.98
N ALA A 153 -2.26 31.67 -10.71
CA ALA A 153 -2.82 31.53 -9.37
C ALA A 153 -1.74 31.18 -8.36
N LYS A 154 -0.73 30.40 -8.76
CA LYS A 154 0.37 30.09 -7.85
C LYS A 154 1.15 31.35 -7.48
N VAL A 155 1.42 32.22 -8.45
CA VAL A 155 2.12 33.47 -8.17
C VAL A 155 1.26 34.37 -7.30
N VAL A 156 -0.05 34.39 -7.56
CA VAL A 156 -0.96 35.19 -6.75
C VAL A 156 -0.94 34.71 -5.30
N CYS A 157 -0.99 33.39 -5.09
CA CYS A 157 -0.93 32.85 -3.74
C CYS A 157 0.42 33.15 -3.09
N ARG A 158 1.51 33.05 -3.85
CA ARG A 158 2.83 33.35 -3.30
C ARG A 158 2.98 34.83 -2.95
N GLN A 159 2.20 35.70 -3.61
CA GLN A 159 2.18 37.11 -3.23
C GLN A 159 1.75 37.29 -1.78
N LEU A 160 0.71 36.55 -1.38
CA LEU A 160 0.21 36.64 -0.01
C LEU A 160 0.96 35.73 0.94
N GLY A 161 1.52 34.63 0.44
CA GLY A 161 2.17 33.65 1.28
C GLY A 161 1.25 32.63 1.91
N CYS A 162 0.02 32.49 1.42
CA CYS A 162 -0.91 31.53 1.99
C CYS A 162 -0.38 30.11 1.85
N GLY A 163 0.10 29.76 0.65
CA GLY A 163 0.65 28.41 0.42
C GLY A 163 0.58 27.98 -1.04
N ARG A 164 -0.11 26.87 -1.33
CA ARG A 164 -0.17 26.33 -2.71
C ARG A 164 -1.53 26.65 -3.32
N ALA A 165 -1.57 26.97 -4.63
CA ALA A 165 -2.86 27.19 -5.31
C ALA A 165 -3.55 25.83 -5.48
N VAL A 166 -4.86 25.77 -5.26
CA VAL A 166 -5.57 24.50 -5.35
C VAL A 166 -6.62 24.53 -6.45
N LEU A 167 -7.18 25.71 -6.73
CA LEU A 167 -8.28 25.78 -7.67
C LEU A 167 -8.43 27.19 -8.19
N THR A 168 -8.83 27.31 -9.46
CA THR A 168 -9.18 28.59 -10.07
C THR A 168 -10.33 28.38 -11.03
N GLN A 169 -11.30 29.30 -11.01
CA GLN A 169 -12.49 29.17 -11.90
C GLN A 169 -13.12 30.54 -12.11
N LYS A 170 -13.91 30.70 -13.18
CA LYS A 170 -14.65 31.97 -13.41
C LYS A 170 -16.13 31.72 -13.13
N ARG A 171 -16.77 32.59 -12.34
CA ARG A 171 -18.18 32.33 -11.93
C ARG A 171 -19.14 33.24 -12.70
N CYS A 172 -20.35 32.75 -13.01
CA CYS A 172 -21.34 33.58 -13.68
C CYS A 172 -21.68 34.80 -12.83
N ASN A 173 -21.92 35.92 -13.50
CA ASN A 173 -22.26 37.18 -12.82
C ASN A 173 -23.77 37.33 -12.81
N LYS A 174 -24.38 37.03 -11.68
CA LYS A 174 -25.83 37.16 -11.49
C LYS A 174 -26.06 38.20 -10.39
N HIS A 175 -26.10 39.47 -10.80
CA HIS A 175 -26.29 40.57 -9.80
C HIS A 175 -25.25 40.42 -8.68
N ALA A 176 -23.98 40.33 -9.05
CA ALA A 176 -22.89 40.20 -8.05
C ALA A 176 -22.28 41.58 -7.78
N TYR A 177 -22.89 42.64 -8.34
CA TYR A 177 -22.39 44.03 -8.12
C TYR A 177 -20.90 44.10 -8.43
N GLY A 178 -20.53 43.80 -9.68
CA GLY A 178 -19.12 43.90 -10.10
C GLY A 178 -18.76 45.34 -10.46
N ARG A 179 -18.86 46.26 -9.49
CA ARG A 179 -18.58 47.70 -9.76
C ARG A 179 -17.13 47.88 -10.21
N LYS A 180 -16.21 47.11 -9.63
CA LYS A 180 -14.77 47.25 -9.97
C LYS A 180 -14.58 47.17 -11.49
N PRO A 181 -13.94 48.14 -12.17
CA PRO A 181 -13.65 48.02 -13.61
C PRO A 181 -12.73 46.83 -13.90
N ILE A 182 -12.42 46.60 -15.18
CA ILE A 182 -11.52 45.47 -15.56
C ILE A 182 -10.20 46.05 -16.09
N TRP A 183 -9.14 45.24 -16.10
CA TRP A 183 -7.81 45.72 -16.57
C TRP A 183 -7.76 45.68 -18.09
N LEU A 184 -6.66 46.14 -18.69
CA LEU A 184 -6.54 46.18 -20.14
C LEU A 184 -5.28 45.48 -20.64
N SER A 185 -4.69 44.60 -19.84
CA SER A 185 -3.47 43.90 -20.23
C SER A 185 -3.51 42.47 -19.71
N GLN A 186 -2.77 41.61 -20.39
CA GLN A 186 -2.63 40.21 -20.00
C GLN A 186 -1.42 40.03 -19.09
N MET A 187 -1.43 38.92 -18.35
CA MET A 187 -0.40 38.61 -17.35
C MET A 187 0.09 37.17 -17.54
N SER A 188 0.50 36.84 -18.76
CA SER A 188 1.08 35.52 -19.01
C SER A 188 2.31 35.31 -18.14
N CYS A 189 2.20 34.41 -17.17
CA CYS A 189 3.24 34.18 -16.18
C CYS A 189 3.53 32.69 -16.12
N SER A 190 4.81 32.33 -16.11
CA SER A 190 5.20 30.94 -16.20
C SER A 190 4.90 30.15 -14.93
N GLY A 191 4.54 30.82 -13.84
CA GLY A 191 4.27 30.15 -12.57
C GLY A 191 5.49 29.93 -11.71
N ARG A 192 6.60 29.49 -12.32
CA ARG A 192 7.86 29.35 -11.60
C ARG A 192 8.60 30.66 -11.45
N GLU A 193 8.13 31.73 -12.09
CA GLU A 193 8.79 33.02 -12.02
C GLU A 193 8.49 33.70 -10.69
N ALA A 194 9.00 34.92 -10.54
CA ALA A 194 8.86 35.70 -9.33
C ALA A 194 7.53 36.44 -9.27
N THR A 195 7.45 37.41 -8.36
CA THR A 195 6.28 38.27 -8.14
C THR A 195 5.75 38.83 -9.46
N LEU A 196 4.47 39.20 -9.48
CA LEU A 196 3.77 39.72 -10.67
C LEU A 196 4.55 40.79 -11.41
N GLN A 197 5.51 41.43 -10.74
CA GLN A 197 6.37 42.40 -11.40
C GLN A 197 7.17 41.75 -12.52
N ASP A 198 7.70 40.54 -12.28
CA ASP A 198 8.56 39.86 -13.25
C ASP A 198 7.79 38.77 -13.98
N CYS A 199 6.91 39.19 -14.91
CA CYS A 199 6.22 38.38 -15.90
C CYS A 199 5.67 39.29 -16.99
N PRO A 200 5.77 38.91 -18.26
CA PRO A 200 5.44 39.86 -19.35
C PRO A 200 3.98 40.23 -19.35
N SER A 201 3.70 41.44 -19.85
CA SER A 201 2.35 41.95 -19.98
C SER A 201 2.20 42.59 -21.36
N GLY A 202 1.00 42.48 -21.92
CA GLY A 202 0.71 43.05 -23.22
C GLY A 202 0.73 44.57 -23.19
N PRO A 203 0.97 45.19 -24.36
CA PRO A 203 1.04 46.66 -24.43
C PRO A 203 -0.32 47.34 -24.45
N TRP A 204 -1.00 47.29 -23.30
CA TRP A 204 -2.31 47.91 -23.09
C TRP A 204 -3.28 47.33 -24.11
N GLY A 205 -3.97 48.15 -24.89
CA GLY A 205 -4.90 47.64 -25.88
C GLY A 205 -6.26 47.30 -25.29
N LYS A 206 -6.99 46.46 -26.00
CA LYS A 206 -8.33 46.06 -25.59
C LYS A 206 -8.28 45.01 -24.50
N ASN A 207 -9.45 44.63 -23.99
CA ASN A 207 -9.51 43.62 -22.90
C ASN A 207 -9.91 42.28 -23.48
N THR A 208 -9.51 41.18 -22.83
CA THR A 208 -9.90 39.82 -23.29
C THR A 208 -11.12 39.35 -22.49
N CYS A 209 -11.66 40.22 -21.63
CA CYS A 209 -12.82 39.85 -20.77
C CYS A 209 -14.11 40.01 -21.58
N ASN A 210 -14.36 39.09 -22.52
CA ASN A 210 -15.62 39.12 -23.31
C ASN A 210 -16.79 38.83 -22.37
N HIS A 211 -16.92 37.58 -21.93
CA HIS A 211 -17.99 37.23 -20.94
C HIS A 211 -17.68 37.93 -19.62
N ASP A 212 -18.69 38.53 -19.01
CA ASP A 212 -18.48 39.27 -17.73
C ASP A 212 -18.45 38.27 -16.57
N GLU A 213 -17.28 37.68 -16.29
CA GLU A 213 -17.15 36.69 -15.19
C GLU A 213 -16.05 37.15 -14.23
N ASP A 214 -16.20 36.88 -12.94
CA ASP A 214 -15.14 37.24 -11.96
C ASP A 214 -14.13 36.09 -11.89
N THR A 215 -12.86 36.40 -11.61
CA THR A 215 -11.83 35.33 -11.48
C THR A 215 -11.73 34.89 -10.01
N TRP A 216 -11.81 33.59 -9.76
CA TRP A 216 -11.73 33.06 -8.38
C TRP A 216 -10.39 32.38 -8.16
N VAL A 217 -9.91 32.32 -6.91
CA VAL A 217 -8.66 31.63 -6.61
C VAL A 217 -8.73 31.08 -5.18
N GLU A 218 -8.21 29.87 -5.00
CA GLU A 218 -8.31 29.16 -3.72
C GLU A 218 -6.92 28.71 -3.30
N CYS A 219 -6.28 29.49 -2.41
CA CYS A 219 -5.01 29.10 -1.84
C CYS A 219 -5.24 28.12 -0.69
N GLU A 220 -4.16 27.86 0.05
CA GLU A 220 -4.25 26.86 1.14
C GLU A 220 -3.79 27.49 2.46
N ASP A 221 -4.19 26.90 3.58
CA ASP A 221 -3.80 27.36 4.90
C ASP A 221 -2.29 27.15 5.12
N PRO A 222 -1.59 28.14 5.66
CA PRO A 222 -0.16 27.97 5.91
C PRO A 222 0.11 26.95 7.00
N PHE A 223 1.35 26.47 7.03
CA PHE A 223 1.77 25.44 7.96
C PHE A 223 2.16 26.05 9.30
N ASP A 224 2.01 25.25 10.36
CA ASP A 224 2.41 25.65 11.70
C ASP A 224 2.63 24.40 12.54
N LEU A 225 3.41 24.55 13.61
CA LEU A 225 3.71 23.44 14.50
C LEU A 225 4.07 23.98 15.86
N ARG A 226 3.97 23.11 16.87
CA ARG A 226 4.21 23.50 18.26
C ARG A 226 4.46 22.24 19.08
N LEU A 227 4.89 22.45 20.33
CA LEU A 227 5.02 21.38 21.32
C LEU A 227 4.04 21.63 22.45
N VAL A 228 3.28 20.61 22.81
CA VAL A 228 2.23 20.71 23.82
C VAL A 228 2.51 19.70 24.93
N GLY A 229 2.41 20.16 26.18
CA GLY A 229 2.59 19.30 27.33
C GLY A 229 3.92 19.46 28.05
N GLY A 230 4.88 20.13 27.44
CA GLY A 230 6.19 20.32 28.06
C GLY A 230 6.32 21.69 28.70
N ASP A 231 7.07 21.74 29.80
CA ASP A 231 7.28 23.00 30.50
C ASP A 231 8.17 23.94 29.69
N ASN A 232 7.90 25.24 29.81
CA ASN A 232 8.58 26.32 29.10
C ASN A 232 8.86 25.97 27.64
N LEU A 233 7.92 25.28 26.99
CA LEU A 233 8.03 24.89 25.59
C LEU A 233 9.28 24.05 25.32
N CYS A 234 9.61 23.89 24.04
CA CYS A 234 10.80 23.13 23.61
C CYS A 234 10.76 21.68 24.10
N SER A 235 9.56 21.16 24.36
CA SER A 235 9.40 19.81 24.87
C SER A 235 7.92 19.47 24.86
N GLY A 236 7.62 18.17 24.77
CA GLY A 236 6.25 17.71 24.82
C GLY A 236 5.80 16.95 23.59
N ARG A 237 4.50 16.90 23.37
CA ARG A 237 3.93 16.22 22.21
C ARG A 237 3.97 17.14 21.00
N LEU A 238 4.03 16.54 19.81
CA LEU A 238 4.11 17.28 18.57
C LEU A 238 2.73 17.42 17.96
N GLU A 239 2.35 18.66 17.63
CA GLU A 239 1.09 18.95 16.98
C GLU A 239 1.36 19.78 15.72
N VAL A 240 0.76 19.36 14.61
CA VAL A 240 0.95 20.00 13.32
C VAL A 240 -0.40 20.49 12.81
N LEU A 241 -0.43 21.71 12.28
CA LEU A 241 -1.66 22.31 11.79
C LEU A 241 -1.80 22.04 10.29
N HIS A 242 -2.99 21.56 9.91
CA HIS A 242 -3.31 21.32 8.50
C HIS A 242 -4.82 21.22 8.37
N LYS A 243 -5.37 21.93 7.39
CA LYS A 243 -6.85 21.95 7.19
C LYS A 243 -7.50 22.59 8.44
N GLY A 244 -6.77 23.48 9.12
CA GLY A 244 -7.32 24.15 10.29
C GLY A 244 -7.52 23.25 11.49
N VAL A 245 -6.81 22.13 11.55
CA VAL A 245 -6.91 21.20 12.66
C VAL A 245 -5.51 20.79 13.07
N TRP A 246 -5.28 20.64 14.38
CA TRP A 246 -4.04 20.12 14.92
C TRP A 246 -4.16 18.61 15.08
N GLY A 247 -3.01 17.93 14.96
CA GLY A 247 -3.00 16.49 15.06
C GLY A 247 -1.64 15.97 15.48
N SER A 248 -1.57 14.67 15.77
CA SER A 248 -0.31 14.08 16.27
C SER A 248 0.48 13.43 15.11
N VAL A 249 1.78 13.21 15.31
CA VAL A 249 2.63 12.55 14.28
C VAL A 249 3.02 11.17 14.82
N CYS A 250 2.93 10.13 13.98
CA CYS A 250 3.20 8.75 14.46
C CYS A 250 4.70 8.56 14.71
N ASP A 251 5.06 7.65 15.62
CA ASP A 251 6.49 7.43 15.98
C ASP A 251 7.04 6.17 15.31
N ASP A 252 6.29 5.60 14.36
CA ASP A 252 6.74 4.33 13.70
C ASP A 252 8.17 4.52 13.22
N ASN A 253 8.47 5.68 12.61
CA ASN A 253 9.86 5.98 12.16
C ASN A 253 10.23 7.37 12.67
N TRP A 254 10.95 7.46 13.80
CA TRP A 254 11.39 8.78 14.33
C TRP A 254 12.87 8.73 14.67
N GLY A 255 13.75 8.80 13.67
CA GLY A 255 15.17 8.81 13.89
C GLY A 255 15.65 10.12 14.48
N GLU A 256 16.94 10.15 14.82
CA GLU A 256 17.54 11.37 15.37
C GLU A 256 17.56 12.49 14.35
N LYS A 257 17.63 12.17 13.05
CA LYS A 257 17.60 13.19 12.03
C LYS A 257 16.25 13.91 12.00
N GLU A 258 15.16 13.16 12.19
CA GLU A 258 13.83 13.74 12.23
C GLU A 258 13.57 14.55 13.50
N ASP A 259 14.46 14.49 14.48
CA ASP A 259 14.27 15.25 15.71
C ASP A 259 14.86 16.65 15.62
N GLN A 260 15.99 16.79 14.94
CA GLN A 260 16.65 18.09 14.88
C GLN A 260 15.94 19.05 13.94
N VAL A 261 15.24 18.52 12.94
CA VAL A 261 14.55 19.38 11.97
C VAL A 261 13.46 20.18 12.66
N VAL A 262 12.70 19.54 13.54
CA VAL A 262 11.65 20.24 14.27
C VAL A 262 12.24 21.26 15.23
N CYS A 263 13.40 20.93 15.84
CA CYS A 263 13.95 21.77 16.89
C CYS A 263 14.39 23.13 16.36
N LYS A 264 15.07 23.16 15.21
CA LYS A 264 15.63 24.42 14.74
C LYS A 264 14.53 25.33 14.18
N GLN A 265 13.44 24.75 13.68
CA GLN A 265 12.36 25.55 13.13
C GLN A 265 11.74 26.45 14.19
N LEU A 266 11.64 25.95 15.42
CA LEU A 266 11.13 26.72 16.54
C LEU A 266 12.22 27.42 17.34
N GLY A 267 13.49 27.25 16.94
CA GLY A 267 14.59 27.88 17.64
C GLY A 267 14.78 27.38 19.06
N CYS A 268 14.69 26.06 19.25
CA CYS A 268 14.84 25.44 20.56
C CYS A 268 16.21 24.81 20.75
N GLY A 269 17.12 24.99 19.79
CA GLY A 269 18.45 24.44 19.91
C GLY A 269 18.52 22.97 19.52
N LYS A 270 19.74 22.45 19.55
CA LYS A 270 19.97 21.05 19.19
C LYS A 270 19.36 20.12 20.23
N SER A 271 18.78 19.02 19.76
CA SER A 271 18.21 18.03 20.65
C SER A 271 19.30 17.37 21.49
N LEU A 272 18.96 17.06 22.75
CA LEU A 272 19.92 16.50 23.70
C LEU A 272 19.77 14.99 23.86
N SER A 273 19.02 14.34 22.98
CA SER A 273 18.78 12.89 23.01
C SER A 273 18.26 12.45 24.37
N PRO A 274 17.01 12.76 24.70
CA PRO A 274 16.48 12.44 26.03
C PRO A 274 15.98 11.01 26.20
N SER A 275 16.07 10.18 25.16
CA SER A 275 15.57 8.80 25.20
C SER A 275 14.07 8.79 25.49
N PHE A 276 13.56 7.67 26.00
CA PHE A 276 12.14 7.53 26.29
C PHE A 276 11.83 7.55 27.78
N ARG A 277 12.83 7.72 28.64
CA ARG A 277 12.59 7.76 30.07
C ARG A 277 11.74 8.97 30.47
N ASP A 278 12.04 10.12 29.88
CA ASP A 278 11.30 11.35 30.16
C ASP A 278 10.21 11.63 29.13
N ARG A 279 10.00 10.74 28.17
CA ARG A 279 8.96 10.92 27.17
C ARG A 279 7.59 10.46 27.65
N LYS A 280 7.48 9.94 28.87
CA LYS A 280 6.22 9.54 29.44
C LYS A 280 5.53 10.65 30.20
N CYS A 281 6.13 11.84 30.27
CA CYS A 281 5.58 12.96 31.00
C CYS A 281 4.57 13.77 30.21
N TYR A 282 4.29 13.38 28.97
CA TYR A 282 3.37 14.11 28.10
C TYR A 282 2.13 13.33 27.72
N GLY A 283 2.21 12.00 27.67
CA GLY A 283 1.05 11.17 27.46
C GLY A 283 0.62 11.09 26.01
N PRO A 284 -0.57 10.52 25.78
CA PRO A 284 -1.05 10.37 24.40
C PRO A 284 -1.83 11.58 23.91
N GLY A 285 -2.35 11.49 22.68
CA GLY A 285 -3.17 12.54 22.10
C GLY A 285 -4.59 12.06 21.85
N VAL A 286 -5.39 12.98 21.30
CA VAL A 286 -6.78 12.70 20.98
C VAL A 286 -7.07 13.12 19.54
N GLY A 287 -6.17 13.89 18.95
CA GLY A 287 -6.36 14.36 17.60
C GLY A 287 -6.04 13.32 16.54
N ARG A 288 -6.41 13.64 15.31
CA ARG A 288 -6.11 12.76 14.19
C ARG A 288 -4.61 12.66 13.95
N ILE A 289 -4.14 11.47 13.58
CA ILE A 289 -2.73 11.29 13.25
C ILE A 289 -2.51 11.75 11.82
N TRP A 290 -2.07 12.99 11.66
CA TRP A 290 -1.95 13.59 10.33
C TRP A 290 -0.82 12.95 9.53
N LEU A 291 0.34 12.79 10.14
CA LEU A 291 1.53 12.33 9.44
C LEU A 291 1.92 10.93 9.91
N ASP A 292 2.61 10.19 9.03
CA ASP A 292 3.08 8.86 9.34
C ASP A 292 4.24 8.52 8.41
N ASN A 293 5.13 7.65 8.89
CA ASN A 293 6.30 7.21 8.14
C ASN A 293 7.13 8.41 7.66
N VAL A 294 7.33 9.36 8.56
CA VAL A 294 8.08 10.57 8.23
C VAL A 294 9.57 10.22 8.14
N ARG A 295 10.20 10.64 7.05
CA ARG A 295 11.63 10.40 6.83
C ARG A 295 12.28 11.69 6.37
N CYS A 296 12.96 12.38 7.29
CA CYS A 296 13.67 13.61 7.00
C CYS A 296 15.16 13.32 6.88
N SER A 297 15.72 13.56 5.70
CA SER A 297 17.12 13.28 5.45
C SER A 297 17.99 14.51 5.71
N GLY A 298 17.70 15.60 4.99
CA GLY A 298 18.45 16.82 5.18
C GLY A 298 17.80 17.77 6.16
N GLU A 299 18.47 18.90 6.38
CA GLU A 299 17.92 19.92 7.25
C GLU A 299 16.65 20.53 6.67
N GLU A 300 16.68 20.90 5.39
CA GLU A 300 15.56 21.53 4.68
C GLU A 300 15.12 22.76 5.49
N GLN A 301 13.82 23.08 5.54
CA GLN A 301 13.37 24.20 6.36
C GLN A 301 12.16 23.82 7.20
N SER A 302 11.37 22.86 6.72
CA SER A 302 10.12 22.48 7.37
C SER A 302 9.94 20.98 7.33
N LEU A 303 9.09 20.49 8.24
CA LEU A 303 8.79 19.06 8.29
C LEU A 303 8.01 18.62 7.05
N GLU A 304 7.18 19.51 6.51
CA GLU A 304 6.39 19.17 5.32
C GLU A 304 7.27 18.96 4.10
N GLN A 305 8.52 19.41 4.15
CA GLN A 305 9.43 19.28 3.02
C GLN A 305 10.04 17.89 2.96
N CYS A 306 9.74 17.05 3.94
CA CYS A 306 10.21 15.68 3.99
C CYS A 306 9.22 14.77 3.27
N GLN A 307 9.55 13.47 3.24
CA GLN A 307 8.72 12.46 2.60
C GLN A 307 7.86 11.78 3.65
N HIS A 308 6.54 11.85 3.48
CA HIS A 308 5.59 11.23 4.38
C HIS A 308 4.62 10.37 3.56
N ARG A 309 3.68 9.74 4.25
CA ARG A 309 2.75 8.83 3.58
C ARG A 309 1.63 9.61 2.90
N PHE A 310 0.79 10.28 3.69
CA PHE A 310 -0.32 11.10 3.22
C PHE A 310 -0.98 11.72 4.44
N TRP A 311 -1.77 12.76 4.20
CA TRP A 311 -2.47 13.47 5.27
C TRP A 311 -3.79 12.76 5.54
N GLY A 312 -3.88 12.07 6.68
CA GLY A 312 -5.09 11.38 7.10
C GLY A 312 -5.01 9.88 7.09
N PHE A 313 -3.95 9.27 6.57
CA PHE A 313 -3.81 7.83 6.49
C PHE A 313 -2.67 7.38 7.40
N HIS A 314 -2.95 6.39 8.24
CA HIS A 314 -1.98 5.94 9.24
C HIS A 314 -2.34 4.52 9.66
N ASP A 315 -1.41 3.87 10.34
CA ASP A 315 -1.63 2.56 10.95
C ASP A 315 -1.16 2.58 12.40
N CYS A 316 -1.46 3.66 13.11
CA CYS A 316 -0.97 3.88 14.46
C CYS A 316 -2.14 4.10 15.43
N THR A 317 -1.79 4.28 16.69
CA THR A 317 -2.75 4.52 17.76
C THR A 317 -2.26 5.67 18.61
N HIS A 318 -3.19 6.38 19.26
CA HIS A 318 -2.84 7.55 20.07
C HIS A 318 -1.84 7.22 21.18
N GLN A 319 -1.77 5.94 21.56
CA GLN A 319 -0.76 5.52 22.56
C GLN A 319 0.64 5.79 21.97
N GLU A 320 0.83 5.44 20.70
CA GLU A 320 2.16 5.63 20.05
C GLU A 320 2.23 7.03 19.42
N ASP A 321 2.80 7.99 20.15
CA ASP A 321 2.91 9.38 19.64
C ASP A 321 4.38 9.81 19.61
N VAL A 322 4.67 11.02 19.12
CA VAL A 322 6.03 11.52 19.02
C VAL A 322 6.22 12.60 20.09
N ALA A 323 7.26 12.44 20.90
CA ALA A 323 7.66 13.44 21.88
C ALA A 323 9.08 13.89 21.56
N VAL A 324 9.26 15.19 21.42
CA VAL A 324 10.55 15.78 21.05
C VAL A 324 10.97 16.74 22.15
N ILE A 325 12.18 16.55 22.66
CA ILE A 325 12.75 17.41 23.70
C ILE A 325 14.05 17.98 23.14
N CYS A 326 14.06 19.29 22.89
CA CYS A 326 15.27 19.96 22.45
C CYS A 326 16.01 20.54 23.66
N SER A 327 17.11 21.25 23.40
CA SER A 327 17.88 21.84 24.49
C SER A 327 17.07 22.90 25.23
N GLY A 328 16.33 23.73 24.50
CA GLY A 328 15.54 24.77 25.11
C GLY A 328 16.19 26.14 25.05
N ALA B 233 11.90 -45.06 56.04
CA ALA B 233 12.16 -46.02 54.97
C ALA B 233 13.09 -45.43 53.91
N LEU B 234 13.36 -46.21 52.87
CA LEU B 234 14.23 -45.79 51.78
C LEU B 234 13.51 -45.96 50.45
N HIS B 235 13.86 -45.11 49.49
CA HIS B 235 13.26 -45.15 48.16
C HIS B 235 14.31 -44.78 47.13
N ARG B 236 14.07 -45.22 45.89
CA ARG B 236 15.05 -45.05 44.83
C ARG B 236 14.87 -43.70 44.15
N PRO B 237 15.88 -42.83 44.16
CA PRO B 237 15.77 -41.57 43.41
C PRO B 237 15.79 -41.80 41.92
N ASP B 238 15.10 -40.92 41.19
CA ASP B 238 15.09 -40.94 39.73
C ASP B 238 15.81 -39.68 39.22
N VAL B 239 16.55 -39.85 38.13
CA VAL B 239 17.38 -38.78 37.57
C VAL B 239 16.83 -38.39 36.21
N TYR B 240 16.57 -37.09 36.03
CA TYR B 240 16.11 -36.55 34.76
C TYR B 240 17.01 -35.38 34.37
N LEU B 241 17.50 -35.40 33.13
CA LEU B 241 18.35 -34.35 32.60
C LEU B 241 17.61 -33.64 31.47
N LEU B 242 17.56 -32.32 31.53
CA LEU B 242 16.80 -31.52 30.58
C LEU B 242 17.73 -30.62 29.78
N PRO B 243 17.63 -30.62 28.45
CA PRO B 243 18.54 -29.83 27.62
C PRO B 243 18.20 -28.35 27.69
N PRO B 244 19.10 -27.48 27.24
CA PRO B 244 18.83 -26.04 27.26
C PRO B 244 17.70 -25.67 26.31
N ALA B 245 17.05 -24.56 26.63
CA ALA B 245 15.93 -24.07 25.84
C ALA B 245 16.40 -23.53 24.49
N ARG B 246 15.56 -23.72 23.48
CA ARG B 246 15.90 -23.25 22.12
C ARG B 246 15.95 -21.73 22.07
N GLU B 247 15.03 -21.05 22.74
CA GLU B 247 15.01 -19.59 22.71
C GLU B 247 16.26 -18.99 23.33
N GLN B 248 16.76 -19.58 24.41
CA GLN B 248 17.99 -19.09 25.02
C GLN B 248 19.18 -19.29 24.07
N LEU B 249 19.21 -20.42 23.37
CA LEU B 249 20.30 -20.68 22.42
C LEU B 249 20.23 -19.74 21.22
N ASN B 250 19.02 -19.31 20.86
CA ASN B 250 18.89 -18.38 19.72
C ASN B 250 19.56 -17.06 20.00
N LEU B 251 19.66 -16.66 21.27
CA LEU B 251 20.37 -15.43 21.62
C LEU B 251 21.87 -15.56 21.53
N ARG B 252 22.40 -16.79 21.39
CA ARG B 252 23.82 -17.05 21.20
C ARG B 252 24.66 -16.43 22.33
N GLU B 253 24.20 -16.62 23.57
CA GLU B 253 24.89 -16.10 24.73
C GLU B 253 25.36 -17.20 25.67
N SER B 254 24.47 -18.08 26.10
CA SER B 254 24.83 -19.12 27.06
C SER B 254 23.78 -20.23 27.02
N ALA B 255 24.09 -21.35 27.67
CA ALA B 255 23.19 -22.47 27.78
C ALA B 255 23.23 -23.01 29.20
N THR B 256 22.09 -23.54 29.65
CA THR B 256 21.97 -24.09 30.99
C THR B 256 21.33 -25.47 30.94
N ILE B 257 21.76 -26.33 31.85
CA ILE B 257 21.26 -27.70 31.95
C ILE B 257 20.74 -27.92 33.37
N THR B 258 19.83 -28.88 33.51
CA THR B 258 19.18 -29.15 34.78
C THR B 258 19.24 -30.65 35.09
N CYS B 259 19.61 -30.98 36.32
CA CYS B 259 19.63 -32.41 36.74
C CYS B 259 18.60 -32.59 37.86
N LEU B 260 17.38 -33.01 37.51
CA LEU B 260 16.30 -33.14 38.53
C LEU B 260 16.34 -34.52 39.19
N VAL B 261 16.48 -34.55 40.52
CA VAL B 261 16.44 -35.85 41.27
C VAL B 261 15.25 -35.78 42.22
N THR B 262 14.34 -36.76 42.17
CA THR B 262 13.10 -36.68 42.98
C THR B 262 12.68 -38.05 43.51
N GLY B 263 11.63 -38.10 44.33
CA GLY B 263 11.12 -39.37 44.87
C GLY B 263 12.19 -40.14 45.62
N PHE B 264 12.73 -39.53 46.69
CA PHE B 264 13.82 -40.20 47.46
C PHE B 264 13.72 -39.83 48.94
N SER B 265 14.15 -40.74 49.83
CA SER B 265 14.18 -40.46 51.26
C SER B 265 15.27 -41.32 51.88
N PRO B 266 16.02 -40.80 52.87
CA PRO B 266 15.93 -39.47 53.47
C PRO B 266 16.70 -38.40 52.69
N ALA B 267 17.03 -37.28 53.32
CA ALA B 267 17.70 -36.16 52.65
C ALA B 267 19.21 -36.34 52.77
N ASP B 268 19.77 -37.14 51.87
CA ASP B 268 21.21 -37.33 51.76
C ASP B 268 21.52 -37.64 50.30
N VAL B 269 21.90 -36.61 49.54
CA VAL B 269 22.17 -36.74 48.12
C VAL B 269 23.44 -35.97 47.79
N PHE B 270 24.28 -36.57 46.95
CA PHE B 270 25.56 -35.98 46.56
C PHE B 270 25.68 -36.10 45.05
N VAL B 271 25.64 -34.96 44.36
CA VAL B 271 25.56 -34.91 42.90
C VAL B 271 26.73 -34.10 42.37
N GLN B 272 27.39 -34.64 41.35
CA GLN B 272 28.50 -33.98 40.66
C GLN B 272 28.15 -33.79 39.18
N TRP B 273 29.15 -33.34 38.41
CA TRP B 273 29.04 -33.24 36.97
C TRP B 273 30.35 -33.70 36.35
N MET B 274 30.29 -34.08 35.08
CA MET B 274 31.47 -34.56 34.37
C MET B 274 31.42 -34.11 32.92
N GLN B 275 32.58 -34.11 32.28
CA GLN B 275 32.70 -33.74 30.87
C GLN B 275 33.79 -34.60 30.24
N ARG B 276 33.39 -35.55 29.41
CA ARG B 276 34.30 -36.47 28.73
C ARG B 276 35.18 -37.24 29.73
N GLY B 277 34.57 -37.68 30.83
CA GLY B 277 35.24 -38.55 31.77
C GLY B 277 36.11 -37.87 32.80
N GLN B 278 36.11 -36.55 32.87
CA GLN B 278 36.88 -35.85 33.88
C GLN B 278 35.99 -34.87 34.62
N PRO B 279 36.20 -34.61 35.94
CA PRO B 279 35.31 -33.73 36.71
C PRO B 279 35.58 -32.23 36.50
N LEU B 280 34.60 -31.38 36.78
CA LEU B 280 34.76 -29.91 36.62
C LEU B 280 34.79 -29.25 38.00
N SER B 281 35.33 -28.02 38.09
CA SER B 281 35.35 -27.32 39.36
C SER B 281 33.94 -27.12 39.91
N PRO B 282 33.79 -27.02 41.23
CA PRO B 282 32.47 -26.75 41.81
C PRO B 282 32.05 -25.29 41.78
N GLU B 283 32.75 -24.45 41.01
CA GLU B 283 32.36 -23.06 40.83
C GLU B 283 31.51 -22.84 39.59
N LYS B 284 31.28 -23.90 38.81
CA LYS B 284 30.53 -23.73 37.53
C LYS B 284 29.15 -24.39 37.61
N TYR B 285 28.83 -25.06 38.72
CA TYR B 285 27.47 -25.64 38.90
C TYR B 285 26.98 -25.36 40.33
N VAL B 286 25.66 -25.31 40.51
CA VAL B 286 25.08 -25.02 41.85
C VAL B 286 24.02 -26.09 42.18
N THR B 287 23.99 -26.56 43.43
CA THR B 287 23.00 -27.60 43.84
C THR B 287 22.10 -27.01 44.94
N SER B 288 20.91 -27.59 45.14
CA SER B 288 19.96 -27.04 46.14
C SER B 288 19.73 -28.04 47.28
N ALA B 289 19.32 -27.56 48.46
CA ALA B 289 19.02 -28.43 49.57
C ALA B 289 17.69 -29.15 49.35
N PRO B 290 17.53 -30.36 49.89
CA PRO B 290 16.27 -31.08 49.74
C PRO B 290 15.09 -30.31 50.30
N MET B 291 13.95 -30.39 49.62
CA MET B 291 12.71 -29.76 50.04
C MET B 291 11.59 -30.79 49.99
N PRO B 292 10.75 -30.86 51.03
CA PRO B 292 9.63 -31.81 51.02
C PRO B 292 8.75 -31.62 49.78
N GLU B 293 8.24 -32.75 49.28
CA GLU B 293 7.33 -32.73 48.13
C GLU B 293 5.89 -32.65 48.62
N PRO B 294 5.14 -31.61 48.26
CA PRO B 294 3.75 -31.50 48.76
C PRO B 294 2.84 -32.63 48.32
N GLN B 295 3.09 -33.22 47.14
CA GLN B 295 2.15 -34.19 46.58
C GLN B 295 2.20 -35.52 47.33
N ALA B 296 3.37 -36.15 47.38
CA ALA B 296 3.52 -37.44 48.06
C ALA B 296 4.25 -37.24 49.38
N PRO B 297 3.58 -37.42 50.52
CA PRO B 297 4.26 -37.30 51.80
C PRO B 297 5.45 -38.25 51.91
N GLY B 298 6.52 -37.78 52.55
CA GLY B 298 7.68 -38.60 52.77
C GLY B 298 8.64 -38.69 51.61
N ARG B 299 8.51 -37.82 50.61
CA ARG B 299 9.40 -37.82 49.45
C ARG B 299 10.01 -36.44 49.28
N TYR B 300 11.27 -36.42 48.85
CA TYR B 300 12.04 -35.19 48.67
C TYR B 300 12.44 -35.05 47.21
N PHE B 301 12.99 -33.87 46.89
CA PHE B 301 13.44 -33.59 45.50
C PHE B 301 14.53 -32.51 45.56
N ALA B 302 15.40 -32.48 44.55
CA ALA B 302 16.49 -31.52 44.49
C ALA B 302 16.87 -31.29 43.03
N HIS B 303 17.62 -30.18 42.85
CA HIS B 303 17.97 -29.77 41.48
C HIS B 303 19.38 -29.18 41.44
N SER B 304 20.03 -29.35 40.28
CA SER B 304 21.40 -28.81 40.06
C SER B 304 21.39 -28.05 38.73
N ILE B 305 22.05 -26.89 38.67
CA ILE B 305 22.06 -26.03 37.49
C ILE B 305 23.50 -25.76 37.09
N LEU B 306 23.82 -26.03 35.82
CA LEU B 306 25.21 -25.84 35.30
C LEU B 306 25.18 -24.89 34.11
N THR B 307 26.19 -24.02 33.97
CA THR B 307 26.23 -23.04 32.85
C THR B 307 27.18 -23.53 31.76
N VAL B 308 26.78 -23.43 30.49
CA VAL B 308 27.62 -23.91 29.35
C VAL B 308 27.64 -22.83 28.26
N SER B 309 28.82 -22.50 27.73
CA SER B 309 28.90 -21.53 26.61
C SER B 309 28.17 -22.11 25.39
N GLU B 310 27.35 -21.30 24.71
CA GLU B 310 26.53 -21.87 23.60
C GLU B 310 27.46 -22.47 22.54
N GLU B 311 28.60 -21.83 22.28
CA GLU B 311 29.54 -22.31 21.22
C GLU B 311 30.07 -23.69 21.61
N GLU B 312 30.53 -23.85 22.85
CA GLU B 312 31.01 -25.19 23.31
C GLU B 312 29.86 -26.18 23.11
N TRP B 313 28.70 -25.91 23.70
CA TRP B 313 27.53 -26.76 23.51
C TRP B 313 27.32 -27.10 22.04
N ASN B 314 27.53 -26.13 21.14
CA ASN B 314 27.33 -26.37 19.73
C ASN B 314 28.48 -27.14 19.09
N THR B 315 29.61 -27.28 19.78
CA THR B 315 30.69 -28.11 19.26
C THR B 315 30.27 -29.58 19.20
N GLY B 316 29.59 -30.06 20.24
CA GLY B 316 29.13 -31.44 20.26
C GLY B 316 29.65 -32.24 21.44
N GLU B 317 29.97 -31.57 22.54
CA GLU B 317 30.50 -32.25 23.71
C GLU B 317 29.37 -32.97 24.46
N THR B 318 29.77 -33.76 25.45
CA THR B 318 28.85 -34.53 26.28
C THR B 318 29.00 -34.13 27.73
N TYR B 319 27.89 -34.12 28.47
CA TYR B 319 27.88 -33.79 29.88
C TYR B 319 27.17 -34.89 30.65
N THR B 320 27.64 -35.14 31.87
CA THR B 320 27.15 -36.26 32.67
C THR B 320 26.78 -35.76 34.06
N CYS B 321 25.67 -36.27 34.58
CA CYS B 321 25.22 -35.99 35.94
C CYS B 321 25.24 -37.29 36.73
N VAL B 322 25.96 -37.28 37.86
CA VAL B 322 26.14 -38.46 38.70
C VAL B 322 25.48 -38.18 40.05
N VAL B 323 24.59 -39.06 40.47
CA VAL B 323 23.85 -38.91 41.72
C VAL B 323 24.23 -40.07 42.64
N ALA B 324 24.61 -39.75 43.87
CA ALA B 324 25.04 -40.73 44.86
C ALA B 324 24.07 -40.72 46.03
N HIS B 325 23.37 -41.82 46.22
CA HIS B 325 22.43 -41.98 47.32
C HIS B 325 22.62 -43.35 47.96
N GLU B 326 22.21 -43.46 49.23
CA GLU B 326 22.41 -44.68 49.99
C GLU B 326 21.36 -45.75 49.68
N ALA B 327 20.25 -45.39 49.04
CA ALA B 327 19.20 -46.36 48.73
C ALA B 327 19.43 -47.08 47.42
N LEU B 328 20.21 -46.50 46.51
CA LEU B 328 20.47 -47.14 45.24
C LEU B 328 21.29 -48.41 45.45
N PRO B 329 21.05 -49.47 44.66
CA PRO B 329 21.79 -50.72 44.87
C PRO B 329 23.30 -50.59 44.76
N ASN B 330 23.78 -49.77 43.83
CA ASN B 330 25.21 -49.57 43.65
C ASN B 330 25.70 -48.21 44.10
N ARG B 331 24.80 -47.38 44.67
CA ARG B 331 25.13 -46.09 45.27
C ARG B 331 25.45 -45.04 44.21
N VAL B 332 25.61 -45.46 42.96
CA VAL B 332 26.00 -44.56 41.88
C VAL B 332 25.05 -44.75 40.71
N THR B 333 24.59 -43.64 40.13
CA THR B 333 23.80 -43.65 38.91
C THR B 333 24.22 -42.45 38.07
N GLU B 334 24.14 -42.60 36.75
CA GLU B 334 24.61 -41.58 35.83
C GLU B 334 23.60 -41.36 34.72
N ARG B 335 23.58 -40.12 34.20
CA ARG B 335 22.77 -39.75 33.05
C ARG B 335 23.60 -38.85 32.15
N THR B 336 23.30 -38.90 30.85
CA THR B 336 24.06 -38.16 29.86
C THR B 336 23.11 -37.47 28.89
N VAL B 337 23.43 -36.23 28.54
CA VAL B 337 22.69 -35.47 27.55
C VAL B 337 23.68 -34.89 26.55
N ASP B 338 23.22 -34.75 25.31
CA ASP B 338 24.05 -34.25 24.21
C ASP B 338 23.33 -33.09 23.53
N LYS B 339 23.99 -32.56 22.50
CA LYS B 339 23.35 -31.53 21.67
C LYS B 339 22.17 -32.11 20.90
N SER B 340 22.31 -33.33 20.41
CA SER B 340 21.30 -33.96 19.55
C SER B 340 20.08 -34.44 20.33
N THR B 341 19.98 -34.14 21.62
CA THR B 341 18.82 -34.56 22.40
C THR B 341 17.62 -33.72 22.02
N GLY B 342 16.54 -34.38 21.59
CA GLY B 342 15.32 -33.68 21.23
C GLY B 342 15.16 -33.36 19.76
N LYS B 343 16.09 -33.81 18.90
CA LYS B 343 15.97 -33.52 17.48
C LYS B 343 14.74 -34.21 16.90
N PRO B 344 13.97 -33.50 16.08
CA PRO B 344 12.71 -34.08 15.57
C PRO B 344 12.96 -35.23 14.60
N THR B 345 11.89 -35.99 14.34
CA THR B 345 12.03 -37.17 13.45
C THR B 345 11.50 -36.84 12.05
N LEU B 346 10.30 -36.34 11.90
CA LEU B 346 9.72 -36.08 10.55
C LEU B 346 9.53 -34.59 10.32
N TYR B 347 9.73 -34.11 9.12
CA TYR B 347 9.53 -32.68 8.76
C TYR B 347 8.54 -32.60 7.59
N ASN B 348 7.42 -33.30 7.69
CA ASN B 348 6.40 -33.31 6.61
C ASN B 348 6.17 -31.89 6.08
N VAL B 349 6.50 -31.64 4.81
CA VAL B 349 6.25 -30.33 4.22
C VAL B 349 5.68 -30.53 2.82
N SER B 350 4.62 -29.78 2.49
CA SER B 350 4.00 -29.84 1.17
C SER B 350 3.80 -28.43 0.66
N LEU B 351 3.92 -28.27 -0.66
CA LEU B 351 3.82 -26.96 -1.31
C LEU B 351 2.89 -27.05 -2.51
N VAL B 352 2.05 -26.03 -2.67
CA VAL B 352 1.10 -25.95 -3.77
C VAL B 352 1.31 -24.63 -4.49
N MET B 353 1.36 -24.68 -5.83
CA MET B 353 1.55 -23.51 -6.68
C MET B 353 0.44 -23.48 -7.72
N SER B 354 -0.64 -22.77 -7.41
CA SER B 354 -1.78 -22.64 -8.30
C SER B 354 -1.72 -21.27 -8.98
N ASP B 355 -1.35 -21.24 -10.25
CA ASP B 355 -1.26 -20.00 -11.01
C ASP B 355 -2.64 -19.61 -11.56
N THR B 356 -3.57 -19.40 -10.63
CA THR B 356 -4.93 -19.02 -10.98
C THR B 356 -5.10 -17.51 -10.96
N ILE C 130 -27.55 24.91 -45.97
CA ILE C 130 -27.15 25.40 -44.65
C ILE C 130 -27.44 24.34 -43.60
N ARG C 131 -26.42 24.01 -42.80
CA ARG C 131 -26.54 23.04 -41.73
C ARG C 131 -26.07 23.69 -40.42
N VAL C 132 -26.86 23.47 -39.37
CA VAL C 132 -26.55 24.08 -38.04
C VAL C 132 -26.48 22.98 -36.97
N PHE C 133 -25.31 22.78 -36.36
CA PHE C 133 -25.09 21.78 -35.33
C PHE C 133 -24.87 22.47 -34.00
N ALA C 134 -25.58 22.01 -32.96
CA ALA C 134 -25.50 22.57 -31.62
C ALA C 134 -25.10 21.43 -30.67
N ILE C 135 -23.88 21.48 -30.16
CA ILE C 135 -23.39 20.46 -29.24
C ILE C 135 -23.53 20.95 -27.81
N PRO C 136 -24.02 20.12 -26.89
CA PRO C 136 -24.12 20.53 -25.49
C PRO C 136 -22.79 20.39 -24.79
N PRO C 137 -22.60 21.06 -23.65
CA PRO C 137 -21.33 20.93 -22.90
C PRO C 137 -21.34 19.69 -22.02
N SER C 138 -20.46 18.75 -22.34
CA SER C 138 -20.36 17.51 -21.57
C SER C 138 -19.70 17.77 -20.23
N PHE C 139 -19.86 16.79 -19.32
CA PHE C 139 -19.23 16.90 -18.00
C PHE C 139 -17.72 16.91 -18.10
N ALA C 140 -17.16 16.35 -19.17
CA ALA C 140 -15.72 16.41 -19.39
C ALA C 140 -15.23 17.84 -19.52
N SER C 141 -15.98 18.67 -20.25
CA SER C 141 -15.62 20.08 -20.37
C SER C 141 -15.85 20.81 -19.05
N ILE C 142 -16.89 20.43 -18.30
CA ILE C 142 -17.17 21.08 -17.03
C ILE C 142 -16.05 20.81 -16.04
N PHE C 143 -15.49 19.60 -16.07
CA PHE C 143 -14.45 19.23 -15.10
C PHE C 143 -13.22 20.10 -15.25
N LEU C 144 -12.79 20.37 -16.49
CA LEU C 144 -11.56 21.10 -16.75
C LEU C 144 -11.78 22.60 -16.91
N THR C 145 -12.63 23.00 -17.86
CA THR C 145 -12.84 24.42 -18.11
C THR C 145 -13.50 25.11 -16.92
N LYS C 146 -14.25 24.35 -16.13
CA LYS C 146 -14.96 24.91 -14.94
C LYS C 146 -15.96 25.98 -15.41
N SER C 147 -16.22 26.02 -16.73
CA SER C 147 -17.17 27.02 -17.30
C SER C 147 -18.12 26.33 -18.28
N THR C 148 -19.43 26.57 -18.13
CA THR C 148 -20.43 25.95 -19.04
C THR C 148 -20.73 26.90 -20.19
N LYS C 149 -20.32 26.54 -21.41
CA LYS C 149 -20.56 27.40 -22.60
C LYS C 149 -21.31 26.60 -23.68
N LEU C 150 -22.16 27.27 -24.46
CA LEU C 150 -23.00 26.57 -25.47
C LEU C 150 -22.58 27.05 -26.87
N THR C 151 -22.37 26.11 -27.80
CA THR C 151 -21.88 26.48 -29.16
C THR C 151 -22.88 26.02 -30.22
N CYS C 152 -23.16 26.88 -31.21
CA CYS C 152 -24.10 26.53 -32.30
C CYS C 152 -23.35 26.57 -33.64
N LEU C 153 -22.74 25.45 -34.05
CA LEU C 153 -21.92 25.43 -35.29
C LEU C 153 -22.83 25.65 -36.51
N VAL C 154 -22.48 26.61 -37.37
CA VAL C 154 -23.24 26.86 -38.59
C VAL C 154 -22.31 26.62 -39.77
N THR C 155 -22.71 25.72 -40.67
CA THR C 155 -21.92 25.37 -41.84
C THR C 155 -22.68 25.73 -43.11
N ASP C 156 -21.93 25.83 -44.21
CA ASP C 156 -22.47 26.17 -45.53
C ASP C 156 -23.20 27.53 -45.48
N LEU C 157 -22.42 28.56 -45.17
CA LEU C 157 -22.93 29.92 -45.05
C LEU C 157 -22.36 30.79 -46.17
N THR C 158 -23.21 31.60 -46.78
CA THR C 158 -22.84 32.42 -47.93
C THR C 158 -22.54 33.86 -47.54
N THR C 159 -23.49 34.54 -46.91
CA THR C 159 -23.37 35.94 -46.54
C THR C 159 -23.18 36.05 -45.04
N TYR C 160 -21.95 36.33 -44.61
CA TYR C 160 -21.63 36.45 -43.20
C TYR C 160 -21.80 37.87 -42.67
N ASP C 161 -22.16 38.82 -43.52
CA ASP C 161 -22.41 40.19 -43.10
C ASP C 161 -23.86 40.43 -42.68
N SER C 162 -24.73 39.43 -42.83
CA SER C 162 -26.14 39.57 -42.49
C SER C 162 -26.62 38.32 -41.75
N VAL C 163 -25.81 37.84 -40.81
CA VAL C 163 -26.19 36.65 -40.01
C VAL C 163 -26.32 37.04 -38.54
N THR C 164 -27.13 36.30 -37.77
CA THR C 164 -27.30 36.60 -36.32
C THR C 164 -27.40 35.28 -35.54
N ILE C 165 -26.41 34.99 -34.69
CA ILE C 165 -26.48 33.78 -33.81
C ILE C 165 -27.13 34.23 -32.50
N SER C 166 -28.34 33.76 -32.21
CA SER C 166 -29.04 34.25 -30.99
C SER C 166 -29.34 33.08 -30.04
N TRP C 167 -29.23 33.33 -28.72
CA TRP C 167 -29.56 32.28 -27.73
C TRP C 167 -30.66 32.79 -26.80
N THR C 168 -31.72 31.99 -26.62
CA THR C 168 -32.86 32.39 -25.80
C THR C 168 -33.17 31.30 -24.78
N ARG C 169 -33.84 31.71 -23.70
CA ARG C 169 -34.26 30.78 -22.67
C ARG C 169 -35.63 30.21 -23.01
N GLN C 170 -36.26 29.52 -22.07
CA GLN C 170 -37.55 28.90 -22.31
C GLN C 170 -38.70 29.89 -22.31
N ASN C 171 -38.52 31.08 -21.73
CA ASN C 171 -39.58 32.08 -21.67
C ASN C 171 -39.49 33.13 -22.77
N GLY C 172 -38.31 33.35 -23.33
CA GLY C 172 -38.14 34.35 -24.38
C GLY C 172 -37.06 35.36 -24.08
N GLU C 173 -36.44 35.25 -22.91
CA GLU C 173 -35.36 36.15 -22.53
C GLU C 173 -34.15 35.92 -23.42
N ALA C 174 -33.41 36.99 -23.69
CA ALA C 174 -32.22 36.92 -24.52
C ALA C 174 -30.97 36.70 -23.67
N VAL C 175 -29.97 36.06 -24.28
CA VAL C 175 -28.70 35.79 -23.63
C VAL C 175 -27.60 36.38 -24.49
N LYS C 176 -26.66 37.10 -23.85
CA LYS C 176 -25.57 37.72 -24.58
C LYS C 176 -24.73 36.67 -25.30
N THR C 177 -24.52 36.87 -26.59
CA THR C 177 -23.80 35.92 -27.43
C THR C 177 -22.41 36.43 -27.74
N HIS C 178 -21.60 35.56 -28.34
CA HIS C 178 -20.22 35.87 -28.73
C HIS C 178 -19.99 35.20 -30.08
N THR C 179 -20.14 35.97 -31.16
CA THR C 179 -20.02 35.44 -32.51
C THR C 179 -18.62 35.71 -33.04
N ASN C 180 -17.97 34.65 -33.53
CA ASN C 180 -16.65 34.74 -34.12
C ASN C 180 -16.69 34.13 -35.52
N ILE C 181 -16.16 34.86 -36.50
CA ILE C 181 -16.13 34.41 -37.89
C ILE C 181 -14.75 33.84 -38.18
N SER C 182 -14.70 32.60 -38.67
CA SER C 182 -13.45 31.93 -38.95
C SER C 182 -12.93 32.35 -40.33
N GLU C 183 -11.90 31.67 -40.81
CA GLU C 183 -11.31 31.98 -42.10
C GLU C 183 -12.17 31.40 -43.22
N SER C 184 -11.66 31.47 -44.45
CA SER C 184 -12.39 30.95 -45.60
C SER C 184 -12.26 29.43 -45.67
N HIS C 185 -13.04 28.84 -46.58
CA HIS C 185 -13.05 27.40 -46.78
C HIS C 185 -12.86 27.09 -48.25
N PRO C 186 -12.33 25.90 -48.57
CA PRO C 186 -12.13 25.54 -49.98
C PRO C 186 -13.42 25.53 -50.79
N ASN C 187 -14.56 25.19 -50.17
CA ASN C 187 -15.83 25.10 -50.87
C ASN C 187 -16.62 26.41 -50.83
N ALA C 188 -15.94 27.54 -50.63
CA ALA C 188 -16.56 28.86 -50.63
C ALA C 188 -17.69 28.97 -49.61
N THR C 189 -17.48 28.36 -48.44
CA THR C 189 -18.44 28.40 -47.35
C THR C 189 -17.81 29.04 -46.12
N PHE C 190 -18.66 29.55 -45.24
CA PHE C 190 -18.23 30.19 -44.00
C PHE C 190 -18.78 29.43 -42.81
N SER C 191 -18.00 29.41 -41.73
CA SER C 191 -18.37 28.72 -40.50
C SER C 191 -18.59 29.73 -39.39
N ALA C 192 -19.72 29.64 -38.71
CA ALA C 192 -20.07 30.54 -37.62
C ALA C 192 -19.98 29.80 -36.29
N VAL C 193 -19.21 30.36 -35.36
CA VAL C 193 -19.02 29.78 -34.04
C VAL C 193 -19.53 30.79 -33.02
N GLY C 194 -20.51 30.39 -32.23
CA GLY C 194 -21.12 31.29 -31.26
C GLY C 194 -21.22 30.70 -29.87
N GLU C 195 -20.56 31.34 -28.90
CA GLU C 195 -20.54 30.87 -27.51
C GLU C 195 -21.54 31.66 -26.70
N ALA C 196 -22.31 30.96 -25.86
CA ALA C 196 -23.15 31.56 -24.85
C ALA C 196 -22.85 30.90 -23.51
N SER C 197 -22.66 31.72 -22.48
CA SER C 197 -22.21 31.24 -21.19
C SER C 197 -23.30 31.40 -20.14
N ILE C 198 -23.68 30.30 -19.52
CA ILE C 198 -24.57 30.29 -18.36
C ILE C 198 -24.01 29.28 -17.36
N CYS C 199 -23.93 29.68 -16.09
CA CYS C 199 -23.30 28.83 -15.10
C CYS C 199 -24.19 27.64 -14.76
N GLU C 200 -23.57 26.63 -14.15
CA GLU C 200 -24.15 25.29 -14.10
C GLU C 200 -25.43 25.21 -13.26
N ASP C 201 -25.67 26.16 -12.36
CA ASP C 201 -26.83 26.06 -11.49
C ASP C 201 -28.13 26.08 -12.29
N ASP C 202 -28.20 26.91 -13.33
CA ASP C 202 -29.38 26.94 -14.17
C ASP C 202 -29.46 25.74 -15.09
N TRP C 203 -28.32 25.31 -15.64
CA TRP C 203 -28.34 24.26 -16.66
C TRP C 203 -28.66 22.90 -16.06
N ASN C 204 -28.03 22.56 -14.91
CA ASN C 204 -28.26 21.24 -14.34
C ASN C 204 -29.65 21.09 -13.75
N SER C 205 -30.40 22.18 -13.60
CA SER C 205 -31.76 22.10 -13.05
C SER C 205 -32.76 21.56 -14.05
N GLY C 206 -32.40 21.45 -15.34
CA GLY C 206 -33.28 20.91 -16.34
C GLY C 206 -33.93 21.92 -17.26
N GLU C 207 -33.54 23.20 -17.18
CA GLU C 207 -34.10 24.20 -18.07
C GLU C 207 -33.65 23.96 -19.50
N ARG C 208 -34.52 24.25 -20.45
CA ARG C 208 -34.25 23.99 -21.86
C ARG C 208 -33.74 25.24 -22.56
N PHE C 209 -32.85 25.03 -23.53
CA PHE C 209 -32.29 26.10 -24.34
C PHE C 209 -32.57 25.82 -25.82
N THR C 210 -32.40 26.84 -26.65
CA THR C 210 -32.59 26.65 -28.12
C THR C 210 -31.66 27.62 -28.87
N CYS C 211 -31.29 27.28 -30.10
CA CYS C 211 -30.39 28.15 -30.91
C CYS C 211 -31.15 28.65 -32.15
N THR C 212 -30.95 29.91 -32.50
CA THR C 212 -31.64 30.49 -33.70
C THR C 212 -30.60 31.10 -34.65
N VAL C 213 -30.67 30.75 -35.93
CA VAL C 213 -29.72 31.31 -36.94
C VAL C 213 -30.53 32.01 -38.03
N THR C 214 -30.40 33.33 -38.16
CA THR C 214 -31.15 34.07 -39.16
C THR C 214 -30.24 34.40 -40.34
N HIS C 215 -30.80 34.32 -41.54
CA HIS C 215 -30.08 34.60 -42.77
C HIS C 215 -31.00 35.33 -43.73
N THR C 216 -30.45 36.34 -44.42
CA THR C 216 -31.25 37.11 -45.37
C THR C 216 -31.72 36.25 -46.54
N ASP C 217 -31.02 35.16 -46.85
CA ASP C 217 -31.44 34.23 -47.87
C ASP C 217 -32.47 33.22 -47.38
N LEU C 218 -32.52 32.98 -46.07
CA LEU C 218 -33.49 32.05 -45.50
C LEU C 218 -34.76 32.80 -45.16
N PRO C 219 -35.91 32.44 -45.73
CA PRO C 219 -37.15 33.13 -45.36
C PRO C 219 -37.55 32.93 -43.90
N SER C 220 -37.21 31.77 -43.31
CA SER C 220 -37.59 31.45 -41.95
C SER C 220 -36.35 31.10 -41.14
N PRO C 221 -36.15 31.70 -39.96
CA PRO C 221 -35.00 31.33 -39.14
C PRO C 221 -35.09 29.89 -38.65
N LEU C 222 -33.92 29.26 -38.46
CA LEU C 222 -33.90 27.84 -38.04
C LEU C 222 -33.96 27.75 -36.52
N LYS C 223 -34.62 26.71 -35.99
CA LYS C 223 -34.72 26.51 -34.52
C LYS C 223 -34.14 25.14 -34.15
N GLN C 224 -33.12 25.13 -33.29
CA GLN C 224 -32.50 23.85 -32.85
C GLN C 224 -32.41 23.86 -31.32
N THR C 225 -33.06 22.90 -30.65
CA THR C 225 -33.09 22.94 -29.19
C THR C 225 -32.14 21.89 -28.62
N ILE C 226 -31.63 22.17 -27.42
CA ILE C 226 -30.76 21.26 -26.71
C ILE C 226 -31.14 21.25 -25.23
N SER C 227 -30.79 20.15 -24.56
CA SER C 227 -31.06 19.97 -23.13
C SER C 227 -30.38 18.68 -22.69
N ARG C 228 -30.19 18.55 -21.37
CA ARG C 228 -29.53 17.37 -20.84
C ARG C 228 -30.56 16.33 -20.42
N PRO C 229 -30.35 15.05 -20.75
CA PRO C 229 -31.31 14.02 -20.34
C PRO C 229 -31.26 13.76 -18.85
N LYS C 230 -32.35 13.17 -18.35
CA LYS C 230 -32.49 12.86 -16.93
C LYS C 230 -33.01 11.43 -16.78
N GLY C 231 -32.56 10.77 -15.71
CA GLY C 231 -33.04 9.44 -15.39
C GLY C 231 -32.17 8.31 -15.91
N VAL C 232 -30.88 8.35 -15.62
CA VAL C 232 -29.94 7.30 -16.01
C VAL C 232 -29.15 6.86 -14.78
N ALA C 233 -29.02 5.54 -14.61
CA ALA C 233 -28.29 5.00 -13.48
C ALA C 233 -26.78 5.20 -13.67
N LEU C 234 -26.05 5.12 -12.57
CA LEU C 234 -24.61 5.34 -12.55
C LEU C 234 -23.89 4.05 -12.20
N HIS C 235 -23.02 3.59 -13.10
CA HIS C 235 -22.22 2.39 -12.90
C HIS C 235 -20.74 2.77 -12.96
N ARG C 236 -19.96 2.22 -12.04
CA ARG C 236 -18.54 2.55 -11.97
C ARG C 236 -17.78 1.90 -13.13
N PRO C 237 -16.94 2.65 -13.88
CA PRO C 237 -16.16 2.06 -14.98
C PRO C 237 -14.88 1.36 -14.51
N ASP C 238 -14.36 0.44 -15.32
CA ASP C 238 -13.09 -0.27 -14.99
C ASP C 238 -11.99 0.24 -15.92
N VAL C 239 -10.74 0.27 -15.43
CA VAL C 239 -9.61 0.79 -16.25
C VAL C 239 -8.64 -0.37 -16.54
N TYR C 240 -8.29 -0.57 -17.82
CA TYR C 240 -7.36 -1.66 -18.21
C TYR C 240 -6.23 -1.08 -19.06
N LEU C 241 -4.98 -1.40 -18.69
CA LEU C 241 -3.81 -0.94 -19.49
C LEU C 241 -3.14 -2.15 -20.14
N LEU C 242 -3.05 -2.15 -21.48
CA LEU C 242 -2.48 -3.31 -22.20
C LEU C 242 -1.07 -2.96 -22.70
N PRO C 243 -0.01 -3.69 -22.27
CA PRO C 243 1.34 -3.43 -22.77
C PRO C 243 1.45 -3.72 -24.27
N PRO C 244 2.45 -3.18 -24.99
CA PRO C 244 2.55 -3.36 -26.45
C PRO C 244 2.79 -4.83 -26.82
N ALA C 245 2.41 -5.16 -28.05
CA ALA C 245 2.57 -6.52 -28.53
C ALA C 245 4.04 -6.85 -28.75
N ARG C 246 4.38 -8.13 -28.53
CA ARG C 246 5.75 -8.57 -28.72
C ARG C 246 6.17 -8.51 -30.18
N GLU C 247 5.26 -8.80 -31.10
CA GLU C 247 5.58 -8.83 -32.52
C GLU C 247 5.70 -7.43 -33.12
N GLN C 248 5.40 -6.38 -32.36
CA GLN C 248 5.51 -5.01 -32.86
C GLN C 248 6.90 -4.41 -32.59
N LEU C 249 7.49 -4.74 -31.45
CA LEU C 249 8.78 -4.17 -31.07
C LEU C 249 9.96 -4.81 -31.81
N ASN C 250 9.73 -5.89 -32.56
CA ASN C 250 10.81 -6.50 -33.33
C ASN C 250 11.16 -5.69 -34.57
N LEU C 251 10.29 -4.75 -34.98
CA LEU C 251 10.55 -3.93 -36.15
C LEU C 251 11.41 -2.70 -35.84
N ARG C 252 11.68 -2.43 -34.56
CA ARG C 252 12.52 -1.31 -34.14
C ARG C 252 11.98 0.03 -34.64
N GLU C 253 10.66 0.16 -34.72
CA GLU C 253 10.03 1.36 -35.24
C GLU C 253 9.26 2.14 -34.19
N SER C 254 8.28 1.52 -33.54
CA SER C 254 7.44 2.21 -32.58
C SER C 254 6.69 1.19 -31.74
N ALA C 255 5.99 1.68 -30.74
CA ALA C 255 5.16 0.87 -29.84
C ALA C 255 3.77 1.48 -29.76
N THR C 256 2.87 0.77 -29.08
CA THR C 256 1.49 1.21 -28.94
C THR C 256 0.94 0.71 -27.60
N ILE C 257 0.62 1.66 -26.71
CA ILE C 257 0.04 1.30 -25.38
C ILE C 257 -1.46 1.53 -25.45
N THR C 258 -2.26 0.70 -24.76
CA THR C 258 -3.74 0.82 -24.86
C THR C 258 -4.37 1.05 -23.50
N CYS C 259 -5.16 2.12 -23.35
CA CYS C 259 -5.90 2.37 -22.08
C CYS C 259 -7.37 2.05 -22.34
N LEU C 260 -7.92 1.05 -21.66
CA LEU C 260 -9.32 0.62 -21.95
C LEU C 260 -10.25 0.96 -20.78
N VAL C 261 -11.32 1.72 -21.05
CA VAL C 261 -12.33 2.02 -19.99
C VAL C 261 -13.64 1.36 -20.44
N THR C 262 -14.35 0.68 -19.53
CA THR C 262 -15.55 -0.08 -19.97
C THR C 262 -16.66 -0.09 -18.92
N GLY C 263 -17.81 -0.69 -19.23
CA GLY C 263 -18.93 -0.78 -18.33
C GLY C 263 -19.22 0.46 -17.51
N PHE C 264 -19.61 1.55 -18.16
CA PHE C 264 -19.97 2.77 -17.45
C PHE C 264 -21.25 3.37 -18.06
N SER C 265 -22.00 4.06 -17.22
CA SER C 265 -23.19 4.80 -17.62
C SER C 265 -23.23 6.08 -16.78
N PRO C 266 -23.53 7.25 -17.39
CA PRO C 266 -23.91 7.31 -18.81
C PRO C 266 -22.70 7.30 -19.76
N ALA C 267 -22.91 7.65 -21.03
CA ALA C 267 -21.82 7.59 -22.02
C ALA C 267 -20.99 8.88 -22.01
N ASP C 268 -20.39 9.22 -20.86
CA ASP C 268 -19.49 10.40 -20.79
C ASP C 268 -18.15 9.97 -20.20
N VAL C 269 -17.03 10.31 -20.86
CA VAL C 269 -15.70 9.84 -20.39
C VAL C 269 -14.61 10.83 -20.82
N PHE C 270 -13.59 11.03 -19.99
CA PHE C 270 -12.49 11.92 -20.30
C PHE C 270 -11.18 11.21 -19.96
N VAL C 271 -10.32 11.03 -20.96
CA VAL C 271 -9.08 10.29 -20.80
C VAL C 271 -7.92 11.18 -21.23
N GLN C 272 -6.87 11.24 -20.40
CA GLN C 272 -5.69 12.04 -20.69
C GLN C 272 -4.45 11.30 -20.23
N TRP C 273 -3.41 11.35 -21.05
CA TRP C 273 -2.15 10.66 -20.77
C TRP C 273 -1.14 11.61 -20.16
N MET C 274 -0.28 11.07 -19.30
CA MET C 274 0.75 11.85 -18.62
C MET C 274 2.06 11.08 -18.60
N GLN C 275 3.15 11.82 -18.43
CA GLN C 275 4.48 11.24 -18.25
C GLN C 275 5.29 12.16 -17.35
N ARG C 276 5.78 11.60 -16.24
CA ARG C 276 6.58 12.35 -15.25
C ARG C 276 5.83 13.57 -14.72
N GLY C 277 4.50 13.49 -14.64
CA GLY C 277 3.71 14.56 -14.09
C GLY C 277 3.41 15.70 -15.05
N GLN C 278 3.88 15.65 -16.28
CA GLN C 278 3.65 16.69 -17.26
C GLN C 278 2.77 16.18 -18.39
N PRO C 279 1.72 16.91 -18.77
CA PRO C 279 0.84 16.43 -19.84
C PRO C 279 1.59 16.23 -21.15
N LEU C 280 1.23 15.17 -21.86
CA LEU C 280 1.81 14.89 -23.16
C LEU C 280 1.16 15.75 -24.24
N SER C 281 1.80 15.79 -25.42
CA SER C 281 1.17 16.51 -26.56
C SER C 281 -0.06 15.74 -27.02
N PRO C 282 -1.20 16.41 -27.30
CA PRO C 282 -2.45 15.70 -27.65
C PRO C 282 -2.31 14.75 -28.85
N GLU C 283 -1.52 15.13 -29.86
CA GLU C 283 -1.41 14.31 -31.09
C GLU C 283 -0.89 12.91 -30.75
N LYS C 284 0.04 12.79 -29.81
CA LYS C 284 0.66 11.47 -29.50
C LYS C 284 -0.41 10.42 -29.19
N TYR C 285 -1.68 10.83 -29.06
CA TYR C 285 -2.69 9.85 -28.67
C TYR C 285 -4.02 10.21 -29.32
N VAL C 286 -4.87 9.21 -29.48
CA VAL C 286 -6.18 9.35 -30.09
C VAL C 286 -7.21 8.67 -29.20
N THR C 287 -8.30 9.37 -28.91
CA THR C 287 -9.38 8.85 -28.08
C THR C 287 -10.67 8.81 -28.90
N SER C 288 -11.41 7.72 -28.78
CA SER C 288 -12.63 7.50 -29.54
C SER C 288 -13.86 7.84 -28.70
N ALA C 289 -15.03 7.80 -29.36
CA ALA C 289 -16.30 8.06 -28.74
C ALA C 289 -16.86 6.79 -28.08
N PRO C 290 -17.70 6.94 -27.07
CA PRO C 290 -18.29 5.75 -26.43
C PRO C 290 -19.14 4.95 -27.41
N MET C 291 -19.11 3.63 -27.25
CA MET C 291 -19.85 2.71 -28.09
C MET C 291 -20.60 1.71 -27.22
N PRO C 292 -21.75 1.23 -27.68
CA PRO C 292 -22.53 0.30 -26.85
C PRO C 292 -21.84 -1.05 -26.69
N GLU C 293 -22.18 -1.73 -25.58
CA GLU C 293 -21.66 -3.06 -25.29
C GLU C 293 -22.68 -4.12 -25.70
N PRO C 294 -22.33 -5.02 -26.63
CA PRO C 294 -23.33 -5.98 -27.11
C PRO C 294 -23.85 -6.93 -26.03
N GLN C 295 -23.02 -7.29 -25.06
CA GLN C 295 -23.40 -8.31 -24.09
C GLN C 295 -24.11 -7.76 -22.86
N ALA C 296 -24.17 -6.44 -22.70
CA ALA C 296 -24.82 -5.86 -21.53
C ALA C 296 -25.57 -4.59 -21.90
N PRO C 297 -26.90 -4.60 -21.85
CA PRO C 297 -27.65 -3.38 -22.14
C PRO C 297 -27.37 -2.29 -21.12
N GLY C 298 -27.36 -1.05 -21.59
CA GLY C 298 -27.16 0.10 -20.74
C GLY C 298 -25.73 0.36 -20.33
N ARG C 299 -24.76 -0.32 -20.94
CA ARG C 299 -23.35 -0.11 -20.63
C ARG C 299 -22.58 0.17 -21.91
N TYR C 300 -21.53 0.98 -21.79
CA TYR C 300 -20.73 1.40 -22.93
C TYR C 300 -19.26 1.16 -22.64
N PHE C 301 -18.42 1.50 -23.61
CA PHE C 301 -16.97 1.36 -23.46
C PHE C 301 -16.28 2.29 -24.44
N ALA C 302 -14.98 2.50 -24.21
CA ALA C 302 -14.17 3.35 -25.08
C ALA C 302 -12.72 2.89 -24.99
N HIS C 303 -11.86 3.52 -25.79
CA HIS C 303 -10.47 3.13 -25.87
C HIS C 303 -9.60 4.38 -26.00
N SER C 304 -8.30 4.17 -25.79
CA SER C 304 -7.31 5.22 -26.01
C SER C 304 -6.00 4.56 -26.40
N ILE C 305 -5.30 5.15 -27.37
CA ILE C 305 -4.09 4.58 -27.95
C ILE C 305 -2.99 5.62 -27.89
N LEU C 306 -1.82 5.22 -27.40
CA LEU C 306 -0.65 6.09 -27.32
C LEU C 306 0.51 5.44 -28.06
N THR C 307 1.26 6.27 -28.80
CA THR C 307 2.38 5.81 -29.61
C THR C 307 3.68 6.39 -29.08
N VAL C 308 4.67 5.53 -28.84
CA VAL C 308 5.97 5.93 -28.33
C VAL C 308 7.06 5.17 -29.06
N SER C 309 8.29 5.66 -28.93
CA SER C 309 9.43 5.02 -29.57
C SER C 309 9.79 3.71 -28.86
N GLU C 310 10.44 2.81 -29.61
CA GLU C 310 10.82 1.52 -29.05
C GLU C 310 11.96 1.66 -28.05
N GLU C 311 12.95 2.50 -28.36
CA GLU C 311 14.07 2.69 -27.44
C GLU C 311 13.61 3.34 -26.14
N GLU C 312 12.63 4.24 -26.20
CA GLU C 312 12.09 4.85 -24.99
C GLU C 312 11.43 3.80 -24.10
N TRP C 313 10.69 2.86 -24.70
CA TRP C 313 10.06 1.81 -23.92
C TRP C 313 11.09 0.83 -23.37
N ASN C 314 12.15 0.54 -24.14
CA ASN C 314 13.18 -0.37 -23.65
C ASN C 314 14.02 0.27 -22.56
N THR C 315 14.12 1.60 -22.54
CA THR C 315 14.87 2.28 -21.50
C THR C 315 14.23 2.06 -20.13
N GLY C 316 12.90 2.15 -20.05
CA GLY C 316 12.20 1.91 -18.80
C GLY C 316 11.41 3.10 -18.30
N GLU C 317 10.92 3.93 -19.21
CA GLU C 317 10.10 5.07 -18.83
C GLU C 317 8.73 4.61 -18.34
N THR C 318 8.05 5.51 -17.61
CA THR C 318 6.75 5.23 -17.04
C THR C 318 5.70 6.13 -17.67
N TYR C 319 4.47 5.62 -17.76
CA TYR C 319 3.36 6.33 -18.35
C TYR C 319 2.15 6.23 -17.43
N THR C 320 1.16 7.08 -17.68
CA THR C 320 0.00 7.18 -16.80
C THR C 320 -1.24 7.49 -17.62
N CYS C 321 -2.36 6.87 -17.23
CA CYS C 321 -3.66 7.08 -17.87
C CYS C 321 -4.62 7.63 -16.83
N VAL C 322 -4.97 8.90 -16.94
CA VAL C 322 -5.91 9.55 -16.03
C VAL C 322 -7.29 9.52 -16.66
N VAL C 323 -8.25 8.93 -15.94
CA VAL C 323 -9.61 8.76 -16.43
C VAL C 323 -10.56 9.41 -15.43
N ALA C 324 -11.48 10.23 -15.94
CA ALA C 324 -12.45 10.94 -15.11
C ALA C 324 -13.86 10.60 -15.58
N HIS C 325 -14.72 10.24 -14.63
CA HIS C 325 -16.12 9.95 -14.91
C HIS C 325 -16.93 10.33 -13.68
N GLU C 326 -18.22 10.60 -13.89
CA GLU C 326 -19.06 11.12 -12.83
C GLU C 326 -19.31 10.08 -11.74
N ALA C 327 -19.33 8.81 -12.11
CA ALA C 327 -19.71 7.75 -11.18
C ALA C 327 -18.58 7.29 -10.26
N LEU C 328 -17.36 7.81 -10.44
CA LEU C 328 -16.26 7.41 -9.57
C LEU C 328 -16.47 7.95 -8.15
N PRO C 329 -15.98 7.21 -7.14
CA PRO C 329 -16.08 7.73 -5.76
C PRO C 329 -15.34 9.06 -5.57
N ASN C 330 -14.20 9.24 -6.25
CA ASN C 330 -13.44 10.47 -6.15
C ASN C 330 -13.30 11.21 -7.48
N ARG C 331 -14.03 10.77 -8.51
CA ARG C 331 -14.14 11.40 -9.82
C ARG C 331 -12.89 11.29 -10.68
N VAL C 332 -11.78 10.77 -10.15
CA VAL C 332 -10.54 10.66 -10.91
C VAL C 332 -9.85 9.36 -10.52
N THR C 333 -9.37 8.63 -11.54
CA THR C 333 -8.65 7.37 -11.34
C THR C 333 -7.37 7.39 -12.17
N GLU C 334 -6.38 6.63 -11.72
CA GLU C 334 -5.06 6.65 -12.33
C GLU C 334 -4.45 5.26 -12.32
N ARG C 335 -3.82 4.88 -13.43
CA ARG C 335 -3.04 3.66 -13.53
C ARG C 335 -1.72 3.96 -14.21
N THR C 336 -0.73 3.10 -13.96
CA THR C 336 0.63 3.29 -14.46
C THR C 336 1.16 1.96 -14.99
N VAL C 337 1.80 2.03 -16.15
CA VAL C 337 2.42 0.86 -16.77
C VAL C 337 3.91 1.13 -16.95
N ASP C 338 4.70 0.06 -16.93
CA ASP C 338 6.14 0.17 -17.08
C ASP C 338 6.68 -1.18 -17.55
N LYS C 339 7.85 -1.13 -18.18
CA LYS C 339 8.45 -2.36 -18.72
C LYS C 339 8.83 -3.33 -17.61
N SER C 340 9.41 -2.83 -16.52
CA SER C 340 9.88 -3.71 -15.46
C SER C 340 8.73 -4.43 -14.76
N THR C 341 7.64 -3.71 -14.48
CA THR C 341 6.51 -4.29 -13.77
C THR C 341 5.48 -4.82 -14.76
N GLY C 342 5.87 -5.89 -15.45
CA GLY C 342 5.01 -6.53 -16.42
C GLY C 342 4.97 -8.04 -16.27
N LYS C 343 5.22 -8.76 -17.35
CA LYS C 343 5.24 -10.21 -17.33
C LYS C 343 6.67 -10.70 -17.19
N PRO C 344 7.07 -11.34 -16.06
CA PRO C 344 8.45 -11.75 -15.87
C PRO C 344 8.74 -13.15 -16.44
N THR C 345 9.90 -13.30 -17.08
CA THR C 345 10.29 -14.63 -17.65
C THR C 345 10.61 -15.61 -16.53
N LEU C 346 11.27 -15.14 -15.46
CA LEU C 346 11.68 -16.06 -14.36
C LEU C 346 10.95 -15.71 -13.07
N TYR C 347 10.74 -16.71 -12.20
CA TYR C 347 10.08 -16.46 -10.89
C TYR C 347 10.95 -17.07 -9.79
N ASN C 348 12.03 -16.38 -9.41
CA ASN C 348 12.97 -16.92 -8.38
C ASN C 348 12.28 -16.87 -7.01
N VAL C 349 11.51 -17.91 -6.69
CA VAL C 349 10.77 -17.99 -5.39
C VAL C 349 11.70 -18.63 -4.34
N SER C 350 11.75 -18.05 -3.13
CA SER C 350 12.60 -18.61 -2.05
C SER C 350 11.79 -18.69 -0.74
N LEU C 351 11.86 -19.82 -0.04
CA LEU C 351 11.13 -19.98 1.20
C LEU C 351 12.08 -20.49 2.28
N VAL C 352 12.07 -19.81 3.43
CA VAL C 352 12.95 -20.13 4.54
C VAL C 352 12.08 -20.49 5.75
N MET C 353 12.37 -21.64 6.34
CA MET C 353 11.61 -22.14 7.49
C MET C 353 12.45 -22.04 8.75
N SER C 354 11.85 -21.53 9.82
CA SER C 354 12.53 -21.42 11.10
C SER C 354 11.50 -21.56 12.22
N ASP C 355 11.97 -22.00 13.38
CA ASP C 355 11.14 -22.17 14.56
C ASP C 355 11.36 -21.08 15.61
N THR C 356 12.19 -20.08 15.31
CA THR C 356 12.48 -19.00 16.24
C THR C 356 12.19 -17.61 15.70
N ALA C 357 12.09 -17.48 14.37
CA ALA C 357 11.76 -16.16 13.77
C ALA C 357 10.24 -15.94 13.84
N GLY C 358 9.73 -15.60 15.02
CA GLY C 358 8.28 -15.40 15.19
C GLY C 358 7.87 -13.95 14.98
N THR C 359 8.83 -13.09 14.63
CA THR C 359 8.52 -11.66 14.39
C THR C 359 9.34 -11.15 13.20
N CYS C 360 8.82 -10.16 12.48
CA CYS C 360 9.57 -9.56 11.33
C CYS C 360 9.63 -8.04 11.52
N TYR C 361 10.82 -7.45 11.40
CA TYR C 361 11.00 -5.99 11.62
C TYR C 361 10.14 -5.22 10.60
N ALA D 233 -1.10 5.59 -53.34
CA ALA D 233 -0.01 4.67 -52.99
C ALA D 233 -0.51 3.60 -52.03
N LEU D 234 -0.79 2.42 -52.58
CA LEU D 234 -1.25 1.31 -51.77
C LEU D 234 -0.15 0.82 -50.83
N HIS D 235 -0.52 0.55 -49.58
CA HIS D 235 0.43 0.09 -48.57
C HIS D 235 -0.14 -1.13 -47.85
N ARG D 236 0.75 -2.05 -47.49
CA ARG D 236 0.34 -3.26 -46.80
C ARG D 236 0.11 -2.96 -45.32
N PRO D 237 -1.08 -3.21 -44.78
CA PRO D 237 -1.31 -2.97 -43.36
C PRO D 237 -0.64 -4.03 -42.49
N ASP D 238 -0.48 -3.68 -41.22
CA ASP D 238 0.08 -4.58 -40.22
C ASP D 238 -0.99 -4.90 -39.18
N VAL D 239 -1.23 -6.19 -38.93
CA VAL D 239 -2.27 -6.59 -37.94
C VAL D 239 -1.60 -7.01 -36.64
N TYR D 240 -2.08 -6.50 -35.50
CA TYR D 240 -1.52 -6.88 -34.18
C TYR D 240 -2.65 -7.32 -33.27
N LEU D 241 -2.51 -8.50 -32.65
CA LEU D 241 -3.55 -9.01 -31.72
C LEU D 241 -3.10 -8.76 -30.28
N LEU D 242 -4.04 -8.42 -29.38
CA LEU D 242 -3.70 -8.19 -27.96
C LEU D 242 -4.35 -9.28 -27.10
N PRO D 243 -3.56 -10.08 -26.34
CA PRO D 243 -4.13 -11.09 -25.44
C PRO D 243 -4.95 -10.42 -24.34
N PRO D 244 -6.00 -11.06 -23.78
CA PRO D 244 -6.87 -10.41 -22.80
C PRO D 244 -6.12 -10.04 -21.53
N ALA D 245 -6.68 -9.06 -20.83
CA ALA D 245 -6.10 -8.62 -19.56
C ALA D 245 -6.22 -9.71 -18.52
N ARG D 246 -5.15 -9.87 -17.71
CA ARG D 246 -5.12 -10.94 -16.73
C ARG D 246 -6.01 -10.65 -15.53
N GLU D 247 -6.05 -9.38 -15.12
CA GLU D 247 -6.86 -8.96 -13.94
C GLU D 247 -8.35 -9.12 -14.27
N GLN D 248 -8.73 -8.80 -15.51
CA GLN D 248 -10.15 -8.98 -15.94
C GLN D 248 -10.53 -10.44 -15.75
N LEU D 249 -9.64 -11.36 -16.16
CA LEU D 249 -9.90 -12.82 -15.99
C LEU D 249 -9.89 -13.17 -14.50
N ASN D 250 -8.96 -12.57 -13.74
CA ASN D 250 -8.86 -12.85 -12.28
C ASN D 250 -10.22 -12.58 -11.62
N LEU D 251 -10.87 -11.46 -11.98
CA LEU D 251 -12.16 -11.13 -11.40
C LEU D 251 -13.30 -11.97 -11.96
N ARG D 252 -13.03 -12.72 -13.04
CA ARG D 252 -13.89 -13.79 -13.53
C ARG D 252 -15.28 -13.30 -13.97
N GLU D 253 -15.28 -12.42 -14.97
CA GLU D 253 -16.50 -12.14 -15.73
C GLU D 253 -16.34 -12.50 -17.21
N SER D 254 -15.34 -11.89 -17.87
CA SER D 254 -15.15 -12.13 -19.32
C SER D 254 -13.71 -11.79 -19.74
N ALA D 255 -13.45 -11.71 -21.04
CA ALA D 255 -12.09 -11.38 -21.54
C ALA D 255 -12.20 -10.40 -22.70
N THR D 256 -11.13 -9.65 -22.98
CA THR D 256 -11.16 -8.64 -24.08
C THR D 256 -10.08 -8.96 -25.11
N ILE D 257 -10.48 -9.25 -26.35
CA ILE D 257 -9.50 -9.56 -27.43
C ILE D 257 -9.48 -8.36 -28.41
N THR D 258 -8.31 -7.77 -28.64
CA THR D 258 -8.25 -6.56 -29.51
C THR D 258 -7.52 -6.88 -30.82
N CYS D 259 -8.04 -6.41 -31.95
CA CYS D 259 -7.41 -6.62 -33.25
C CYS D 259 -7.00 -5.25 -33.78
N LEU D 260 -5.73 -4.89 -33.58
CA LEU D 260 -5.21 -3.57 -33.90
C LEU D 260 -4.56 -3.60 -35.26
N VAL D 261 -5.16 -2.92 -36.23
CA VAL D 261 -4.69 -2.89 -37.62
C VAL D 261 -4.42 -1.43 -38.00
N THR D 262 -3.21 -1.16 -38.46
CA THR D 262 -2.81 0.18 -38.89
C THR D 262 -2.06 0.09 -40.21
N GLY D 263 -1.64 1.24 -40.71
CA GLY D 263 -0.77 1.33 -41.87
C GLY D 263 -1.35 0.86 -43.19
N PHE D 264 -2.58 1.27 -43.49
CA PHE D 264 -3.20 0.96 -44.77
C PHE D 264 -3.71 2.24 -45.42
N SER D 265 -3.63 2.27 -46.75
CA SER D 265 -4.12 3.39 -47.55
C SER D 265 -4.54 2.85 -48.91
N PRO D 266 -5.68 3.29 -49.44
CA PRO D 266 -6.63 4.28 -48.89
C PRO D 266 -7.51 3.70 -47.79
N ALA D 267 -8.48 4.47 -47.30
CA ALA D 267 -9.33 4.02 -46.21
C ALA D 267 -10.34 2.99 -46.68
N ASP D 268 -9.94 1.73 -46.73
CA ASP D 268 -10.84 0.65 -47.13
C ASP D 268 -10.39 -0.62 -46.42
N VAL D 269 -11.12 -1.02 -45.37
CA VAL D 269 -10.68 -2.19 -44.56
C VAL D 269 -11.91 -2.99 -44.10
N PHE D 270 -11.79 -4.31 -44.03
CA PHE D 270 -12.91 -5.17 -43.55
C PHE D 270 -12.34 -6.28 -42.65
N VAL D 271 -12.69 -6.27 -41.37
CA VAL D 271 -12.18 -7.29 -40.41
C VAL D 271 -13.32 -8.22 -40.00
N GLN D 272 -13.01 -9.50 -39.76
CA GLN D 272 -14.04 -10.48 -39.36
C GLN D 272 -13.49 -11.32 -38.19
N TRP D 273 -14.37 -12.03 -37.47
CA TRP D 273 -13.89 -12.91 -36.37
C TRP D 273 -14.36 -14.35 -36.60
N MET D 274 -13.41 -15.29 -36.66
CA MET D 274 -13.72 -16.69 -36.85
C MET D 274 -13.17 -17.51 -35.69
N GLN D 275 -13.86 -18.60 -35.37
CA GLN D 275 -13.48 -19.50 -34.30
C GLN D 275 -13.50 -20.93 -34.82
N ARG D 276 -12.34 -21.59 -34.77
CA ARG D 276 -12.18 -22.97 -35.23
C ARG D 276 -12.61 -23.13 -36.68
N GLY D 277 -12.30 -22.13 -37.51
CA GLY D 277 -12.64 -22.16 -38.92
C GLY D 277 -14.07 -21.81 -39.24
N GLN D 278 -14.88 -21.47 -38.24
CA GLN D 278 -16.28 -21.11 -38.46
C GLN D 278 -16.47 -19.62 -38.14
N PRO D 279 -16.89 -18.80 -39.10
CA PRO D 279 -17.11 -17.38 -38.80
C PRO D 279 -18.20 -17.19 -37.76
N LEU D 280 -18.00 -16.17 -36.92
CA LEU D 280 -18.96 -15.85 -35.88
C LEU D 280 -20.00 -14.86 -36.39
N SER D 281 -21.09 -14.72 -35.62
CA SER D 281 -22.16 -13.83 -36.01
C SER D 281 -21.69 -12.37 -35.97
N PRO D 282 -22.28 -11.51 -36.81
CA PRO D 282 -21.91 -10.08 -36.76
C PRO D 282 -22.24 -9.42 -35.43
N GLU D 283 -23.15 -9.99 -34.65
CA GLU D 283 -23.51 -9.45 -33.34
C GLU D 283 -22.52 -9.85 -32.24
N LYS D 284 -21.35 -10.36 -32.61
CA LYS D 284 -20.37 -10.80 -31.60
C LYS D 284 -19.23 -9.80 -31.42
N TYR D 285 -18.95 -8.97 -32.42
CA TYR D 285 -17.88 -7.99 -32.34
C TYR D 285 -18.39 -6.62 -32.77
N VAL D 286 -17.75 -5.58 -32.26
CA VAL D 286 -18.03 -4.19 -32.62
C VAL D 286 -16.87 -3.67 -33.45
N THR D 287 -17.19 -3.08 -34.60
CA THR D 287 -16.19 -2.62 -35.56
C THR D 287 -16.07 -1.11 -35.49
N SER D 288 -14.83 -0.63 -35.45
CA SER D 288 -14.55 0.81 -35.41
C SER D 288 -14.64 1.37 -36.83
N ALA D 289 -14.18 2.61 -37.01
CA ALA D 289 -14.26 3.30 -38.28
C ALA D 289 -12.91 3.88 -38.64
N PRO D 290 -12.63 4.07 -39.93
CA PRO D 290 -11.36 4.66 -40.34
C PRO D 290 -11.22 6.09 -39.83
N MET D 291 -9.98 6.46 -39.52
CA MET D 291 -9.64 7.77 -38.97
C MET D 291 -8.14 8.02 -39.09
N PRO D 292 -7.74 9.20 -39.55
CA PRO D 292 -6.33 9.43 -39.90
C PRO D 292 -5.39 9.35 -38.69
N GLU D 293 -4.16 8.94 -38.96
CA GLU D 293 -3.12 8.89 -37.94
C GLU D 293 -2.42 10.24 -37.85
N PRO D 294 -2.42 10.90 -36.70
CA PRO D 294 -1.80 12.24 -36.61
C PRO D 294 -0.29 12.23 -36.88
N GLN D 295 0.41 11.16 -36.53
CA GLN D 295 1.87 11.15 -36.67
C GLN D 295 2.28 11.08 -38.13
N ALA D 296 1.85 10.05 -38.85
CA ALA D 296 2.18 9.90 -40.26
C ALA D 296 0.96 10.21 -41.10
N PRO D 297 0.96 11.31 -41.87
CA PRO D 297 -0.21 11.64 -42.69
C PRO D 297 -0.43 10.61 -43.78
N GLY D 298 -1.70 10.44 -44.17
CA GLY D 298 -2.07 9.50 -45.21
C GLY D 298 -2.29 8.08 -44.76
N ARG D 299 -2.26 7.81 -43.46
CA ARG D 299 -2.45 6.47 -42.93
C ARG D 299 -3.69 6.44 -42.04
N TYR D 300 -4.47 5.36 -42.16
CA TYR D 300 -5.67 5.16 -41.37
C TYR D 300 -5.55 3.87 -40.58
N PHE D 301 -6.41 3.73 -39.57
CA PHE D 301 -6.35 2.56 -38.69
C PHE D 301 -7.67 2.43 -37.95
N ALA D 302 -7.97 1.21 -37.53
CA ALA D 302 -9.18 0.90 -36.78
C ALA D 302 -8.93 -0.38 -35.99
N HIS D 303 -9.98 -0.88 -35.33
CA HIS D 303 -9.84 -2.09 -34.48
C HIS D 303 -11.18 -2.77 -34.26
N SER D 304 -11.17 -3.99 -33.72
CA SER D 304 -12.43 -4.72 -33.43
C SER D 304 -12.24 -5.51 -32.12
N ILE D 305 -13.28 -5.55 -31.27
CA ILE D 305 -13.14 -6.24 -29.95
C ILE D 305 -14.24 -7.29 -29.80
N LEU D 306 -13.87 -8.50 -29.37
CA LEU D 306 -14.87 -9.58 -29.16
C LEU D 306 -14.77 -10.05 -27.70
N THR D 307 -15.89 -10.00 -26.97
CA THR D 307 -15.90 -10.45 -25.55
C THR D 307 -16.18 -11.95 -25.49
N VAL D 308 -15.41 -12.70 -24.69
CA VAL D 308 -15.59 -14.14 -24.58
C VAL D 308 -15.80 -14.49 -23.11
N SER D 309 -16.53 -15.59 -22.88
CA SER D 309 -16.76 -16.08 -21.55
C SER D 309 -15.45 -16.59 -20.93
N GLU D 310 -15.37 -16.46 -19.60
CA GLU D 310 -14.15 -16.89 -18.90
C GLU D 310 -13.93 -18.39 -19.05
N GLU D 311 -14.99 -19.19 -18.90
CA GLU D 311 -14.85 -20.63 -19.07
C GLU D 311 -14.51 -20.99 -20.51
N GLU D 312 -15.11 -20.29 -21.48
CA GLU D 312 -14.78 -20.54 -22.88
C GLU D 312 -13.33 -20.20 -23.18
N TRP D 313 -12.82 -19.10 -22.62
CA TRP D 313 -11.43 -18.76 -22.81
C TRP D 313 -10.51 -19.76 -22.13
N ASN D 314 -10.92 -20.27 -20.97
CA ASN D 314 -10.09 -21.22 -20.22
C ASN D 314 -10.08 -22.61 -20.85
N THR D 315 -11.15 -22.98 -21.56
CA THR D 315 -11.23 -24.33 -22.13
C THR D 315 -10.25 -24.53 -23.29
N GLY D 316 -9.65 -23.47 -23.81
CA GLY D 316 -8.66 -23.58 -24.86
C GLY D 316 -9.12 -23.32 -26.27
N GLU D 317 -10.29 -22.71 -26.46
CA GLU D 317 -10.77 -22.41 -27.80
C GLU D 317 -9.89 -21.36 -28.46
N THR D 318 -9.83 -21.42 -29.80
CA THR D 318 -8.97 -20.55 -30.58
C THR D 318 -9.78 -19.45 -31.25
N TYR D 319 -9.12 -18.32 -31.50
CA TYR D 319 -9.73 -17.18 -32.17
C TYR D 319 -8.72 -16.56 -33.12
N THR D 320 -9.24 -15.87 -34.13
CA THR D 320 -8.38 -15.23 -35.12
C THR D 320 -9.08 -13.99 -35.68
N CYS D 321 -8.29 -13.09 -36.27
CA CYS D 321 -8.85 -11.82 -36.81
C CYS D 321 -8.47 -11.69 -38.29
N VAL D 322 -9.20 -12.38 -39.17
CA VAL D 322 -8.92 -12.31 -40.64
C VAL D 322 -9.18 -10.88 -41.12
N VAL D 323 -8.29 -10.34 -41.95
CA VAL D 323 -8.44 -8.94 -42.47
C VAL D 323 -8.43 -8.98 -43.99
N ALA D 324 -9.10 -8.03 -44.64
CA ALA D 324 -9.12 -7.96 -46.12
C ALA D 324 -8.68 -6.57 -46.59
N HIS D 325 -7.72 -6.51 -47.51
CA HIS D 325 -7.25 -5.21 -48.06
C HIS D 325 -6.74 -5.41 -49.49
N GLU D 326 -7.11 -4.51 -50.40
CA GLU D 326 -6.72 -4.62 -51.80
C GLU D 326 -5.20 -4.68 -51.95
N ALA D 327 -4.46 -3.92 -51.14
CA ALA D 327 -3.02 -3.85 -51.27
C ALA D 327 -2.32 -5.15 -50.86
N LEU D 328 -3.01 -6.04 -50.15
CA LEU D 328 -2.40 -7.29 -49.73
C LEU D 328 -2.16 -8.19 -50.93
N PRO D 329 -1.12 -9.04 -50.88
CA PRO D 329 -0.85 -9.94 -52.01
C PRO D 329 -2.01 -10.88 -52.31
N ASN D 330 -2.44 -11.65 -51.31
CA ASN D 330 -3.56 -12.56 -51.46
C ASN D 330 -4.86 -11.97 -50.92
N ARG D 331 -4.86 -10.70 -50.54
CA ARG D 331 -6.02 -9.98 -50.02
C ARG D 331 -6.52 -10.56 -48.69
N VAL D 332 -5.76 -11.45 -48.07
CA VAL D 332 -6.15 -12.06 -46.79
C VAL D 332 -4.90 -12.22 -45.94
N THR D 333 -4.94 -11.69 -44.72
CA THR D 333 -3.88 -11.87 -43.74
C THR D 333 -4.50 -12.22 -42.40
N GLU D 334 -3.79 -13.04 -41.62
CA GLU D 334 -4.32 -13.54 -40.37
C GLU D 334 -3.28 -13.44 -39.27
N ARG D 335 -3.75 -13.10 -38.07
CA ARG D 335 -2.96 -13.19 -36.85
C ARG D 335 -3.76 -14.00 -35.84
N THR D 336 -3.07 -14.89 -35.13
CA THR D 336 -3.74 -15.81 -34.23
C THR D 336 -3.02 -15.84 -32.89
N VAL D 337 -3.80 -15.77 -31.80
CA VAL D 337 -3.29 -15.89 -30.44
C VAL D 337 -4.14 -16.93 -29.70
N ASP D 338 -3.65 -17.32 -28.53
CA ASP D 338 -4.34 -18.29 -27.69
C ASP D 338 -3.90 -18.07 -26.25
N LYS D 339 -4.42 -18.91 -25.34
CA LYS D 339 -3.95 -18.89 -23.97
C LYS D 339 -2.47 -19.27 -23.89
N SER D 340 -2.06 -20.29 -24.65
CA SER D 340 -0.67 -20.73 -24.67
C SER D 340 0.25 -19.76 -25.39
N THR D 341 -0.29 -18.75 -26.07
CA THR D 341 0.54 -17.77 -26.76
C THR D 341 1.36 -16.98 -25.74
N GLY D 342 2.68 -17.11 -25.83
CA GLY D 342 3.56 -16.43 -24.89
C GLY D 342 4.95 -17.03 -24.96
N LYS D 343 5.73 -16.75 -23.92
CA LYS D 343 7.10 -17.23 -23.82
C LYS D 343 7.23 -18.18 -22.64
N PRO D 344 7.89 -19.33 -22.80
CA PRO D 344 8.00 -20.28 -21.69
C PRO D 344 8.72 -19.66 -20.49
N THR D 345 8.21 -19.97 -19.31
CA THR D 345 8.75 -19.45 -18.07
C THR D 345 9.57 -20.51 -17.35
N LEU D 346 10.01 -20.19 -16.14
CA LEU D 346 10.78 -21.10 -15.30
C LEU D 346 10.45 -20.81 -13.85
N TYR D 347 10.78 -21.75 -12.96
CA TYR D 347 10.50 -21.60 -11.53
C TYR D 347 11.70 -22.16 -10.77
N ASN D 348 12.52 -21.27 -10.22
CA ASN D 348 13.71 -21.66 -9.47
C ASN D 348 13.36 -21.67 -7.97
N VAL D 349 12.50 -22.61 -7.60
CA VAL D 349 12.03 -22.71 -6.22
C VAL D 349 13.15 -23.23 -5.33
N SER D 350 13.31 -22.61 -4.16
CA SER D 350 14.26 -23.05 -3.15
C SER D 350 13.52 -23.20 -1.83
N LEU D 351 13.72 -24.35 -1.18
CA LEU D 351 13.03 -24.68 0.07
C LEU D 351 14.09 -24.92 1.14
N VAL D 352 14.47 -23.86 1.84
CA VAL D 352 15.48 -23.94 2.89
C VAL D 352 14.84 -24.54 4.14
N MET D 353 15.49 -25.58 4.69
CA MET D 353 14.98 -26.29 5.84
C MET D 353 15.46 -25.72 7.17
N SER D 354 16.40 -24.78 7.16
CA SER D 354 16.92 -24.20 8.39
C SER D 354 17.43 -22.80 8.10
N LEU E 234 19.27 -2.00 38.14
CA LEU E 234 18.07 -2.66 37.66
C LEU E 234 18.44 -3.49 36.43
N HIS E 235 18.09 -4.78 36.45
CA HIS E 235 18.35 -5.69 35.36
C HIS E 235 17.08 -6.44 34.98
N ARG E 236 16.74 -6.45 33.69
CA ARG E 236 15.52 -7.16 33.22
C ARG E 236 15.76 -8.68 33.32
N PRO E 237 14.89 -9.45 34.00
CA PRO E 237 15.03 -10.91 34.07
C PRO E 237 14.62 -11.61 32.78
N ASP E 238 15.03 -12.88 32.60
CA ASP E 238 14.69 -13.65 31.38
C ASP E 238 13.91 -14.90 31.78
N VAL E 239 12.92 -15.31 31.00
CA VAL E 239 12.05 -16.48 31.40
C VAL E 239 12.06 -17.56 30.31
N TYR E 240 12.27 -18.82 30.70
CA TYR E 240 12.24 -19.94 29.76
C TYR E 240 11.53 -21.12 30.41
N LEU E 241 10.78 -21.87 29.61
CA LEU E 241 10.09 -23.07 30.08
C LEU E 241 10.70 -24.29 29.41
N LEU E 242 10.92 -25.34 30.21
CA LEU E 242 11.44 -26.60 29.70
C LEU E 242 10.33 -27.65 29.78
N PRO E 243 10.02 -28.33 28.69
CA PRO E 243 8.92 -29.31 28.71
C PRO E 243 9.32 -30.55 29.49
N PRO E 244 8.35 -31.38 29.88
CA PRO E 244 8.70 -32.60 30.62
C PRO E 244 9.57 -33.54 29.81
N ALA E 245 10.41 -34.29 30.51
CA ALA E 245 11.36 -35.17 29.86
C ALA E 245 10.65 -36.28 29.08
N ARG E 246 11.30 -36.76 28.02
CA ARG E 246 10.66 -37.79 27.16
C ARG E 246 10.53 -39.10 27.93
N GLU E 247 11.54 -39.44 28.75
CA GLU E 247 11.51 -40.72 29.45
C GLU E 247 10.72 -40.67 30.75
N GLN E 248 10.11 -39.53 31.09
CA GLN E 248 9.20 -39.46 32.22
C GLN E 248 7.76 -39.78 31.84
N LEU E 249 7.36 -39.44 30.62
CA LEU E 249 6.01 -39.72 30.15
C LEU E 249 5.79 -41.21 29.91
N ASN E 250 6.86 -41.98 29.64
CA ASN E 250 6.70 -43.40 29.34
C ASN E 250 6.17 -44.17 30.54
N LEU E 251 6.52 -43.75 31.76
CA LEU E 251 5.98 -44.40 32.95
C LEU E 251 4.50 -44.10 33.16
N ARG E 252 3.98 -43.07 32.49
CA ARG E 252 2.56 -42.70 32.56
C ARG E 252 2.10 -42.48 34.00
N GLU E 253 2.89 -41.71 34.74
CA GLU E 253 2.57 -41.38 36.13
C GLU E 253 2.25 -39.90 36.30
N SER E 254 3.17 -39.02 35.91
CA SER E 254 2.98 -37.58 36.05
C SER E 254 4.04 -36.87 35.22
N ALA E 255 3.80 -35.58 34.96
CA ALA E 255 4.72 -34.75 34.19
C ALA E 255 5.08 -33.52 35.01
N THR E 256 6.29 -33.03 34.80
CA THR E 256 6.82 -31.89 35.55
C THR E 256 7.28 -30.82 34.57
N ILE E 257 6.85 -29.58 34.80
CA ILE E 257 7.21 -28.44 33.97
C ILE E 257 7.97 -27.44 34.84
N THR E 258 9.04 -26.88 34.28
CA THR E 258 9.92 -25.97 35.01
C THR E 258 9.93 -24.61 34.33
N CYS E 259 9.86 -23.56 35.14
CA CYS E 259 9.94 -22.18 34.67
C CYS E 259 11.20 -21.56 35.25
N LEU E 260 12.19 -21.33 34.39
CA LEU E 260 13.48 -20.80 34.82
C LEU E 260 13.55 -19.30 34.54
N VAL E 261 13.71 -18.51 35.61
CA VAL E 261 13.90 -17.07 35.50
C VAL E 261 15.29 -16.74 36.04
N THR E 262 16.09 -16.06 35.24
CA THR E 262 17.48 -15.77 35.58
C THR E 262 17.86 -14.37 35.12
N GLY E 263 18.92 -13.84 35.73
CA GLY E 263 19.46 -12.55 35.35
C GLY E 263 18.65 -11.37 35.87
N PHE E 264 18.57 -11.21 37.19
CA PHE E 264 17.80 -10.13 37.77
C PHE E 264 18.43 -9.69 39.08
N SER E 265 18.11 -8.46 39.48
CA SER E 265 18.53 -7.86 40.74
C SER E 265 17.56 -6.73 41.08
N PRO E 266 17.05 -6.65 42.32
CA PRO E 266 17.36 -7.48 43.49
C PRO E 266 16.68 -8.85 43.46
N ALA E 267 16.52 -9.49 44.63
CA ALA E 267 16.18 -10.90 44.72
C ALA E 267 14.79 -11.13 45.31
N ASP E 268 13.79 -10.37 44.86
CA ASP E 268 12.40 -10.58 45.24
C ASP E 268 11.59 -10.79 43.97
N VAL E 269 11.10 -12.02 43.81
CA VAL E 269 10.32 -12.38 42.59
C VAL E 269 8.99 -12.98 43.01
N PHE E 270 8.02 -13.03 42.10
CA PHE E 270 6.68 -13.54 42.35
C PHE E 270 6.22 -14.28 41.09
N VAL E 271 6.21 -15.61 41.18
CA VAL E 271 5.87 -16.47 40.04
C VAL E 271 4.54 -17.16 40.33
N GLN E 272 3.62 -17.10 39.38
CA GLN E 272 2.31 -17.70 39.52
C GLN E 272 1.97 -18.49 38.26
N TRP E 273 1.47 -19.70 38.44
CA TRP E 273 1.10 -20.58 37.34
C TRP E 273 -0.41 -20.52 37.08
N MET E 274 -0.78 -20.75 35.82
CA MET E 274 -2.17 -20.72 35.41
C MET E 274 -2.41 -21.83 34.38
N GLN E 275 -3.68 -22.12 34.15
CA GLN E 275 -4.09 -23.09 33.15
C GLN E 275 -5.24 -22.49 32.33
N ARG E 276 -4.95 -22.14 31.08
CA ARG E 276 -5.88 -21.51 30.14
C ARG E 276 -6.76 -20.46 30.83
N GLY E 277 -6.10 -19.49 31.46
CA GLY E 277 -6.77 -18.36 32.06
C GLY E 277 -7.35 -18.60 33.43
N GLN E 278 -7.20 -19.80 33.99
CA GLN E 278 -7.69 -20.10 35.33
C GLN E 278 -6.52 -20.15 36.30
N PRO E 279 -6.48 -19.26 37.29
CA PRO E 279 -5.38 -19.30 38.26
C PRO E 279 -5.32 -20.64 38.98
N LEU E 280 -4.18 -21.19 39.15
CA LEU E 280 -4.03 -22.52 39.79
C LEU E 280 -3.88 -22.35 41.29
N SER E 281 -4.04 -23.39 42.04
CA SER E 281 -3.99 -23.39 43.49
C SER E 281 -2.56 -23.19 43.99
N PRO E 282 -2.39 -22.52 45.13
CA PRO E 282 -1.03 -22.29 45.66
C PRO E 282 -0.31 -23.55 46.08
N GLU E 283 -0.98 -24.71 45.98
CA GLU E 283 -0.42 -25.96 46.47
C GLU E 283 0.18 -26.85 45.40
N LYS E 284 -0.23 -26.71 44.14
CA LYS E 284 0.26 -27.61 43.09
C LYS E 284 1.64 -27.26 42.58
N TYR E 285 2.13 -26.04 42.86
CA TYR E 285 3.44 -25.62 42.40
C TYR E 285 4.29 -25.18 43.58
N VAL E 286 5.61 -25.27 43.41
CA VAL E 286 6.58 -24.88 44.42
C VAL E 286 7.55 -23.88 43.82
N THR E 287 8.21 -23.11 44.68
CA THR E 287 9.19 -22.12 44.26
C THR E 287 10.36 -22.12 45.24
N SER E 288 11.52 -21.70 44.75
CA SER E 288 12.74 -21.69 45.54
C SER E 288 13.23 -20.26 45.75
N ALA E 289 13.91 -20.05 46.89
CA ALA E 289 14.48 -18.74 47.19
C ALA E 289 15.62 -18.43 46.22
N PRO E 290 15.82 -17.17 45.87
CA PRO E 290 16.87 -16.81 44.91
C PRO E 290 18.25 -17.11 45.47
N MET E 291 19.15 -17.47 44.57
CA MET E 291 20.53 -17.79 44.90
C MET E 291 21.47 -17.11 43.92
N PRO E 292 22.67 -16.75 44.37
CA PRO E 292 23.62 -16.06 43.47
C PRO E 292 24.04 -16.94 42.30
N GLU E 293 24.33 -16.30 41.18
CA GLU E 293 24.82 -16.98 39.99
C GLU E 293 26.34 -17.01 40.01
N PRO E 294 26.97 -18.18 40.01
CA PRO E 294 28.45 -18.22 40.08
C PRO E 294 29.13 -17.53 38.91
N GLN E 295 28.53 -17.53 37.72
CA GLN E 295 29.19 -16.97 36.54
C GLN E 295 29.25 -15.45 36.63
N ALA E 296 28.09 -14.79 36.66
CA ALA E 296 28.03 -13.34 36.67
C ALA E 296 27.53 -12.86 38.03
N PRO E 297 28.39 -12.24 38.84
CA PRO E 297 27.92 -11.71 40.13
C PRO E 297 26.94 -10.56 39.93
N GLY E 298 26.01 -10.43 40.87
CA GLY E 298 24.99 -9.40 40.81
C GLY E 298 23.73 -9.78 40.08
N ARG E 299 23.69 -10.94 39.42
CA ARG E 299 22.49 -11.43 38.77
C ARG E 299 22.13 -12.78 39.37
N TYR E 300 20.85 -12.96 39.68
CA TYR E 300 20.39 -14.11 40.43
C TYR E 300 19.45 -14.94 39.57
N PHE E 301 18.91 -16.01 40.14
CA PHE E 301 18.00 -16.89 39.41
C PHE E 301 17.16 -17.69 40.39
N ALA E 302 16.02 -18.19 39.89
CA ALA E 302 15.14 -19.05 40.65
C ALA E 302 14.28 -19.83 39.65
N HIS E 303 13.60 -20.88 40.12
CA HIS E 303 12.69 -21.62 39.21
C HIS E 303 11.44 -22.11 39.95
N SER E 304 10.36 -22.34 39.20
CA SER E 304 9.10 -22.86 39.81
C SER E 304 8.75 -24.20 39.15
N ILE E 305 8.43 -25.22 39.96
CA ILE E 305 8.14 -26.57 39.41
C ILE E 305 6.65 -26.89 39.59
N LEU E 306 5.97 -27.28 38.50
CA LEU E 306 4.52 -27.64 38.57
C LEU E 306 4.35 -29.08 38.08
N THR E 307 3.51 -29.86 38.77
CA THR E 307 3.23 -31.26 38.32
C THR E 307 1.83 -31.34 37.72
N VAL E 308 1.63 -32.24 36.75
CA VAL E 308 0.34 -32.41 36.10
C VAL E 308 0.12 -33.88 35.80
N SER E 309 -1.15 -34.24 35.63
CA SER E 309 -1.50 -35.61 35.27
C SER E 309 -1.04 -35.91 33.85
N GLU E 310 -0.64 -37.17 33.62
CA GLU E 310 -0.14 -37.56 32.31
C GLU E 310 -1.22 -37.43 31.24
N GLU E 311 -2.44 -37.86 31.55
CA GLU E 311 -3.53 -37.76 30.58
C GLU E 311 -3.89 -36.31 30.30
N GLU E 312 -3.84 -35.45 31.33
CA GLU E 312 -4.15 -34.04 31.12
C GLU E 312 -3.15 -33.38 30.18
N TRP E 313 -1.86 -33.71 30.34
CA TRP E 313 -0.85 -33.15 29.44
C TRP E 313 -0.93 -33.77 28.05
N ASN E 314 -1.31 -35.04 27.97
CA ASN E 314 -1.46 -35.69 26.67
C ASN E 314 -2.66 -35.18 25.90
N THR E 315 -3.68 -34.67 26.59
CA THR E 315 -4.84 -34.11 25.90
C THR E 315 -4.45 -32.91 25.06
N GLY E 316 -3.60 -32.03 25.60
CA GLY E 316 -3.16 -30.86 24.87
C GLY E 316 -3.52 -29.54 25.54
N GLU E 317 -3.65 -29.57 26.86
CA GLU E 317 -3.96 -28.35 27.59
C GLU E 317 -2.75 -27.41 27.60
N THR E 318 -3.02 -26.13 27.85
CA THR E 318 -2.00 -25.10 27.84
C THR E 318 -1.70 -24.63 29.25
N TYR E 319 -0.48 -24.15 29.46
CA TYR E 319 -0.03 -23.64 30.74
C TYR E 319 0.78 -22.36 30.55
N THR E 320 0.71 -21.49 31.55
CA THR E 320 1.34 -20.17 31.47
C THR E 320 2.17 -19.91 32.73
N CYS E 321 3.27 -19.18 32.55
CA CYS E 321 4.15 -18.78 33.64
C CYS E 321 4.16 -17.25 33.72
N VAL E 322 3.77 -16.72 34.86
CA VAL E 322 3.66 -15.27 35.07
C VAL E 322 4.65 -14.87 36.16
N VAL E 323 5.47 -13.87 35.86
CA VAL E 323 6.48 -13.38 36.80
C VAL E 323 6.32 -11.87 36.94
N ALA E 324 6.41 -11.39 38.17
CA ALA E 324 6.27 -9.96 38.48
C ALA E 324 7.59 -9.47 39.06
N HIS E 325 8.16 -8.44 38.45
CA HIS E 325 9.37 -7.81 38.95
C HIS E 325 9.38 -6.34 38.54
N GLU E 326 10.20 -5.55 39.24
CA GLU E 326 10.23 -4.12 39.00
C GLU E 326 10.95 -3.75 37.70
N ALA E 327 11.85 -4.63 37.23
CA ALA E 327 12.69 -4.28 36.09
C ALA E 327 11.93 -4.31 34.76
N LEU E 328 10.83 -5.03 34.68
CA LEU E 328 10.09 -5.14 33.44
C LEU E 328 9.47 -3.80 33.06
N PRO E 329 9.36 -3.50 31.75
CA PRO E 329 8.70 -2.25 31.36
C PRO E 329 7.25 -2.18 31.79
N ASN E 330 6.45 -3.21 31.49
CA ASN E 330 5.06 -3.27 31.93
C ASN E 330 4.91 -4.00 33.26
N ARG E 331 6.01 -4.43 33.87
CA ARG E 331 6.16 -5.01 35.20
C ARG E 331 5.60 -6.43 35.29
N VAL E 332 5.01 -6.99 34.23
CA VAL E 332 4.57 -8.39 34.20
C VAL E 332 4.79 -8.95 32.81
N THR E 333 5.27 -10.19 32.76
CA THR E 333 5.45 -10.92 31.51
C THR E 333 4.90 -12.33 31.67
N GLU E 334 4.54 -12.94 30.54
CA GLU E 334 4.00 -14.30 30.56
C GLU E 334 4.48 -15.05 29.32
N ARG E 335 4.60 -16.37 29.47
CA ARG E 335 4.99 -17.25 28.39
C ARG E 335 4.14 -18.51 28.44
N THR E 336 3.94 -19.14 27.28
CA THR E 336 3.00 -20.23 27.14
C THR E 336 3.65 -21.42 26.46
N VAL E 337 3.42 -22.62 27.01
CA VAL E 337 3.89 -23.87 26.42
C VAL E 337 2.77 -24.88 26.43
N ASP E 338 2.87 -25.86 25.54
CA ASP E 338 1.90 -26.96 25.45
C ASP E 338 2.63 -28.18 24.91
N LYS E 339 1.88 -29.18 24.46
CA LYS E 339 2.50 -30.38 23.90
C LYS E 339 3.06 -30.12 22.51
N SER E 340 2.31 -29.39 21.68
CA SER E 340 2.73 -29.17 20.29
C SER E 340 3.92 -28.23 20.17
N THR E 341 4.17 -27.39 21.19
CA THR E 341 5.28 -26.45 21.17
C THR E 341 6.24 -26.79 22.29
N GLY E 342 7.52 -26.97 21.93
CA GLY E 342 8.54 -27.32 22.91
C GLY E 342 8.96 -28.76 22.82
N LYS E 343 10.09 -29.02 22.17
CA LYS E 343 10.60 -30.35 21.94
C LYS E 343 9.53 -31.29 21.37
N PRO E 344 9.03 -31.01 20.17
CA PRO E 344 7.98 -31.85 19.60
C PRO E 344 8.56 -33.07 18.89
N THR E 345 7.67 -33.90 18.33
CA THR E 345 8.13 -35.13 17.64
C THR E 345 8.36 -34.82 16.15
N LEU E 346 7.38 -34.18 15.50
CA LEU E 346 7.49 -33.90 14.04
C LEU E 346 6.94 -32.51 13.73
N TYR E 347 7.17 -32.03 12.50
CA TYR E 347 6.64 -30.69 12.08
C TYR E 347 5.79 -30.87 10.82
N ASN E 348 4.52 -30.47 10.89
CA ASN E 348 3.63 -30.59 9.73
C ASN E 348 3.32 -29.19 9.22
N VAL E 349 3.68 -28.92 7.97
CA VAL E 349 3.48 -27.61 7.35
C VAL E 349 2.78 -27.80 6.01
N SER E 350 1.93 -26.84 5.67
CA SER E 350 1.27 -26.80 4.37
C SER E 350 1.31 -25.37 3.85
N LEU E 351 1.67 -25.22 2.57
CA LEU E 351 1.83 -23.91 1.96
C LEU E 351 1.07 -23.85 0.65
N VAL E 352 0.38 -22.73 0.42
CA VAL E 352 -0.34 -22.48 -0.83
C VAL E 352 0.05 -21.10 -1.33
N MET E 353 0.41 -21.02 -2.62
CA MET E 353 0.85 -19.77 -3.25
C MET E 353 0.06 -19.58 -4.54
N SER E 354 -1.02 -18.82 -4.45
CA SER E 354 -1.90 -18.58 -5.59
C SER E 354 -1.72 -17.17 -6.12
N ASP E 355 -2.32 -16.93 -7.29
CA ASP E 355 -2.27 -15.62 -7.96
C ASP E 355 -0.84 -15.15 -8.17
N THR E 356 0.04 -16.07 -8.57
CA THR E 356 1.45 -15.75 -8.77
C THR E 356 1.68 -14.89 -10.00
N ALA E 357 0.70 -14.78 -10.90
CA ALA E 357 0.82 -13.98 -12.11
C ALA E 357 -0.17 -12.82 -12.10
N GLY E 358 -0.36 -12.21 -10.93
CA GLY E 358 -1.28 -11.10 -10.80
C GLY E 358 -0.65 -9.78 -11.19
N THR E 359 -1.45 -8.73 -11.08
CA THR E 359 -1.00 -7.39 -11.42
C THR E 359 -0.23 -6.78 -10.25
N CYS E 360 0.95 -6.23 -10.54
CA CYS E 360 1.80 -5.61 -9.54
C CYS E 360 1.94 -4.11 -9.74
N TYR E 361 2.27 -3.68 -10.95
CA TYR E 361 2.43 -2.26 -11.28
C TYR E 361 3.51 -1.59 -10.43
N ASP F 25 21.46 -2.12 -5.37
CA ASP F 25 21.46 -0.94 -6.23
C ASP F 25 20.80 -1.24 -7.58
N GLU F 26 20.92 -2.49 -8.02
CA GLU F 26 20.33 -2.92 -9.28
C GLU F 26 18.94 -3.53 -9.11
N ARG F 27 18.41 -3.54 -7.90
CA ARG F 27 17.09 -4.08 -7.62
C ARG F 27 16.20 -3.01 -7.03
N ILE F 28 14.91 -3.08 -7.35
CA ILE F 28 13.92 -2.14 -6.85
C ILE F 28 12.92 -2.89 -5.98
N VAL F 29 12.66 -2.39 -4.80
CA VAL F 29 11.75 -3.03 -3.86
C VAL F 29 10.32 -2.62 -4.18
N LEU F 30 9.45 -3.60 -4.38
CA LEU F 30 8.04 -3.35 -4.66
C LEU F 30 7.17 -3.41 -3.41
N VAL F 31 7.26 -4.49 -2.65
CA VAL F 31 6.55 -4.62 -1.38
C VAL F 31 7.52 -5.09 -0.32
N ASP F 32 7.27 -4.63 0.91
CA ASP F 32 8.08 -4.99 2.08
C ASP F 32 7.16 -5.33 3.25
N ASN F 33 6.21 -6.23 3.00
CA ASN F 33 5.23 -6.64 4.05
C ASN F 33 5.97 -7.19 5.27
N LYS F 34 5.40 -6.97 6.47
CA LYS F 34 6.03 -7.47 7.72
C LYS F 34 5.17 -8.59 8.32
N CYS F 35 3.84 -8.45 8.27
CA CYS F 35 2.93 -9.48 8.84
C CYS F 35 3.22 -10.84 8.20
N LYS F 36 3.31 -10.87 6.87
CA LYS F 36 3.59 -12.14 6.15
C LYS F 36 5.08 -12.23 5.82
N CYS F 37 5.86 -11.21 6.22
CA CYS F 37 7.32 -11.19 5.95
C CYS F 37 7.57 -11.47 4.46
N ALA F 38 6.84 -10.77 3.58
CA ALA F 38 6.99 -10.98 2.12
C ALA F 38 7.74 -9.79 1.52
N ARG F 39 8.67 -10.06 0.60
CA ARG F 39 9.45 -9.00 -0.02
C ARG F 39 9.69 -9.36 -1.48
N ILE F 40 9.33 -8.45 -2.39
CA ILE F 40 9.38 -8.70 -3.82
C ILE F 40 10.30 -7.67 -4.46
N THR F 41 11.23 -8.14 -5.29
CA THR F 41 12.13 -7.28 -6.04
C THR F 41 12.10 -7.67 -7.51
N SER F 42 12.30 -6.68 -8.38
CA SER F 42 12.32 -6.89 -9.82
C SER F 42 13.60 -6.30 -10.38
N ARG F 43 14.12 -6.93 -11.44
CA ARG F 43 15.39 -6.52 -12.02
C ARG F 43 15.47 -7.02 -13.45
N ILE F 44 16.05 -6.20 -14.32
CA ILE F 44 16.24 -6.52 -15.73
C ILE F 44 17.73 -6.76 -15.96
N ILE F 45 18.06 -7.89 -16.55
CA ILE F 45 19.44 -8.26 -16.86
C ILE F 45 19.67 -8.10 -18.35
N ARG F 46 20.74 -7.39 -18.72
CA ARG F 46 21.07 -7.15 -20.12
C ARG F 46 21.75 -8.39 -20.70
N SER F 47 20.97 -9.46 -20.83
CA SER F 47 21.47 -10.69 -21.43
C SER F 47 21.73 -10.49 -22.91
N SER F 48 22.86 -11.02 -23.37
CA SER F 48 23.30 -10.87 -24.77
C SER F 48 23.40 -9.39 -25.08
N GLU F 49 23.13 -9.00 -26.33
CA GLU F 49 23.17 -7.60 -26.73
C GLU F 49 21.91 -7.11 -27.43
N ASP F 50 21.04 -8.00 -27.88
CA ASP F 50 19.79 -7.56 -28.50
C ASP F 50 18.87 -6.96 -27.45
N PRO F 51 18.37 -5.74 -27.64
CA PRO F 51 17.48 -5.14 -26.63
C PRO F 51 16.18 -5.87 -26.43
N ASN F 52 15.76 -6.71 -27.38
CA ASN F 52 14.49 -7.41 -27.31
C ASN F 52 14.59 -8.77 -26.64
N GLU F 53 15.78 -9.15 -26.16
CA GLU F 53 16.00 -10.46 -25.55
C GLU F 53 16.60 -10.31 -24.15
N ASP F 54 16.02 -9.41 -23.36
CA ASP F 54 16.38 -9.22 -21.97
C ASP F 54 15.29 -9.79 -21.08
N ILE F 55 15.67 -10.62 -20.13
CA ILE F 55 14.70 -11.31 -19.28
C ILE F 55 14.32 -10.42 -18.10
N VAL F 56 13.07 -10.54 -17.66
CA VAL F 56 12.57 -9.82 -16.49
C VAL F 56 12.41 -10.82 -15.36
N GLU F 57 13.00 -10.50 -14.21
CA GLU F 57 13.08 -11.43 -13.10
C GLU F 57 12.29 -10.91 -11.90
N ARG F 58 11.57 -11.81 -11.25
CA ARG F 58 10.77 -11.50 -10.06
C ARG F 58 11.19 -12.42 -8.93
N ASN F 59 11.67 -11.85 -7.84
CA ASN F 59 12.12 -12.60 -6.69
C ASN F 59 11.15 -12.43 -5.53
N ILE F 60 10.83 -13.55 -4.87
CA ILE F 60 9.95 -13.55 -3.71
C ILE F 60 10.69 -14.24 -2.56
N ARG F 61 10.72 -13.59 -1.41
CA ARG F 61 11.37 -14.13 -0.21
C ARG F 61 10.35 -14.16 0.91
N ILE F 62 10.08 -15.36 1.44
CA ILE F 62 9.08 -15.57 2.47
C ILE F 62 9.73 -16.28 3.65
N ILE F 63 9.52 -15.75 4.85
CA ILE F 63 9.98 -16.37 6.09
C ILE F 63 8.76 -16.78 6.89
N VAL F 64 8.64 -18.08 7.17
CA VAL F 64 7.47 -18.62 7.84
C VAL F 64 7.79 -18.94 9.30
N PRO F 65 6.93 -18.57 10.24
CA PRO F 65 7.14 -18.96 11.64
C PRO F 65 6.54 -20.33 11.95
N LEU F 66 7.30 -21.12 12.71
CA LEU F 66 6.89 -22.46 13.09
C LEU F 66 6.40 -22.56 14.52
N ASN F 67 6.53 -21.51 15.32
CA ASN F 67 6.12 -21.53 16.71
C ASN F 67 4.94 -20.63 17.01
N ASN F 68 4.62 -19.66 16.16
CA ASN F 68 3.50 -18.77 16.41
C ASN F 68 2.18 -19.51 16.20
N ARG F 69 1.14 -18.98 16.84
CA ARG F 69 -0.17 -19.62 16.88
C ARG F 69 -1.14 -18.89 15.95
N GLU F 70 -2.40 -19.35 15.98
CA GLU F 70 -3.40 -18.82 15.06
C GLU F 70 -3.65 -17.33 15.30
N ASN F 71 -3.92 -16.95 16.54
CA ASN F 71 -4.18 -15.56 16.91
C ASN F 71 -3.00 -15.07 17.75
N ILE F 72 -2.23 -14.14 17.19
CA ILE F 72 -1.02 -13.65 17.85
C ILE F 72 -1.30 -12.83 19.09
N SER F 73 -2.57 -12.52 19.36
CA SER F 73 -2.96 -11.75 20.55
C SER F 73 -3.68 -12.61 21.58
N ASP F 74 -3.56 -13.93 21.48
CA ASP F 74 -4.22 -14.84 22.41
C ASP F 74 -3.36 -16.08 22.54
N PRO F 75 -2.64 -16.23 23.66
CA PRO F 75 -1.75 -17.39 23.80
C PRO F 75 -2.47 -18.73 23.86
N THR F 76 -3.77 -18.76 24.18
CA THR F 76 -4.50 -20.00 24.27
C THR F 76 -4.94 -20.54 22.91
N SER F 77 -4.75 -19.78 21.84
CA SER F 77 -5.13 -20.24 20.52
C SER F 77 -4.28 -21.44 20.09
N PRO F 78 -4.84 -22.35 19.30
CA PRO F 78 -4.06 -23.51 18.84
C PRO F 78 -3.01 -23.10 17.83
N LEU F 79 -2.08 -24.03 17.58
CA LEU F 79 -0.98 -23.77 16.66
C LEU F 79 -1.50 -23.70 15.23
N ARG F 80 -0.73 -23.01 14.38
CA ARG F 80 -1.09 -22.79 12.99
C ARG F 80 -0.15 -23.59 12.10
N THR F 81 -0.72 -24.40 11.21
CA THR F 81 0.04 -25.27 10.32
C THR F 81 -0.46 -25.15 8.89
N ARG F 82 -0.93 -23.96 8.51
CA ARG F 82 -1.39 -23.73 7.14
C ARG F 82 -1.16 -22.26 6.80
N PHE F 83 -0.42 -22.01 5.72
CA PHE F 83 -0.07 -20.65 5.32
C PHE F 83 -0.48 -20.44 3.87
N VAL F 84 -1.22 -19.36 3.61
CA VAL F 84 -1.70 -19.01 2.29
C VAL F 84 -1.15 -17.64 1.93
N TYR F 85 -0.58 -17.52 0.72
CA TYR F 85 0.06 -16.29 0.26
C TYR F 85 -0.52 -15.93 -1.11
N HIS F 86 -1.46 -14.99 -1.12
CA HIS F 86 -2.02 -14.47 -2.37
C HIS F 86 -1.20 -13.26 -2.81
N LEU F 87 -0.62 -13.33 -4.01
CA LEU F 87 0.21 -12.25 -4.52
C LEU F 87 -0.61 -11.12 -5.13
N SER F 88 -1.89 -11.34 -5.42
CA SER F 88 -2.72 -10.28 -5.96
C SER F 88 -3.12 -9.27 -4.89
N ASP F 89 -3.25 -9.72 -3.64
CA ASP F 89 -3.60 -8.86 -2.53
C ASP F 89 -2.38 -8.33 -1.78
N LEU F 90 -1.18 -8.63 -2.25
CA LEU F 90 0.06 -8.15 -1.64
C LEU F 90 0.65 -6.96 -2.38
N CYS F 91 0.77 -7.09 -3.70
CA CYS F 91 1.29 -5.96 -4.52
C CYS F 91 0.14 -5.04 -4.92
N LYS F 92 -0.60 -4.51 -3.93
CA LYS F 92 -1.76 -3.63 -4.21
C LYS F 92 -1.52 -2.24 -3.59
N LYS F 93 -1.96 -1.18 -4.28
CA LYS F 93 -1.74 0.21 -3.77
C LYS F 93 -3.09 0.78 -3.33
N CYS F 94 -3.16 1.32 -2.09
CA CYS F 94 -4.46 1.83 -1.56
C CYS F 94 -4.25 3.19 -0.87
N ASP F 95 -3.71 4.18 -1.60
CA ASP F 95 -3.55 5.53 -1.03
C ASP F 95 -3.76 6.59 -2.12
N PRO F 96 -4.74 7.50 -1.99
CA PRO F 96 -5.02 8.48 -3.04
C PRO F 96 -3.79 9.34 -3.35
N THR F 97 -3.52 9.58 -4.64
CA THR F 97 -2.34 10.39 -5.04
C THR F 97 -2.80 11.72 -5.65
N GLU F 98 -1.95 12.74 -5.63
CA GLU F 98 -2.31 14.04 -6.18
C GLU F 98 -1.90 14.13 -7.64
N VAL F 99 -2.79 14.71 -8.46
CA VAL F 99 -2.57 14.84 -9.89
C VAL F 99 -2.85 16.29 -10.28
N GLU F 100 -1.94 16.88 -11.05
CA GLU F 100 -2.09 18.25 -11.53
C GLU F 100 -2.72 18.23 -12.92
N LEU F 101 -3.76 19.04 -13.12
CA LEU F 101 -4.48 19.09 -14.38
C LEU F 101 -4.44 20.48 -15.01
N ASP F 102 -3.45 21.30 -14.65
CA ASP F 102 -3.22 22.64 -15.16
C ASP F 102 -4.31 23.64 -14.77
N ASN F 103 -5.37 23.20 -14.09
CA ASN F 103 -6.39 24.10 -13.59
C ASN F 103 -6.81 23.81 -12.16
N GLN F 104 -6.39 22.69 -11.57
CA GLN F 104 -6.72 22.35 -10.19
C GLN F 104 -5.79 21.23 -9.76
N ILE F 105 -6.04 20.70 -8.56
CA ILE F 105 -5.33 19.55 -8.02
C ILE F 105 -6.37 18.60 -7.43
N VAL F 106 -6.31 17.33 -7.81
CA VAL F 106 -7.31 16.35 -7.43
C VAL F 106 -6.62 15.13 -6.82
N THR F 107 -7.40 14.36 -6.07
CA THR F 107 -6.95 13.12 -5.47
C THR F 107 -7.45 11.94 -6.30
N ALA F 108 -6.57 11.00 -6.59
CA ALA F 108 -6.85 9.92 -7.50
C ALA F 108 -6.72 8.57 -6.80
N THR F 109 -7.67 7.66 -7.07
CA THR F 109 -7.61 6.31 -6.47
C THR F 109 -6.66 5.43 -7.30
N GLN F 110 -5.64 4.85 -6.66
CA GLN F 110 -4.65 4.01 -7.38
C GLN F 110 -5.32 2.73 -7.86
N SER F 111 -6.05 2.03 -6.98
CA SER F 111 -6.68 0.73 -7.35
C SER F 111 -8.14 0.70 -6.87
N ASN F 112 -8.95 -0.17 -7.47
CA ASN F 112 -10.37 -0.29 -7.09
C ASN F 112 -10.56 -1.50 -6.15
N ILE F 113 -9.59 -2.41 -6.14
CA ILE F 113 -9.69 -3.65 -5.31
C ILE F 113 -9.76 -3.26 -3.83
N CYS F 114 -9.08 -2.18 -3.43
CA CYS F 114 -9.04 -1.76 -2.01
C CYS F 114 -10.48 -1.57 -1.48
N THR F 120 -9.11 -6.77 7.65
CA THR F 120 -9.29 -8.11 8.18
C THR F 120 -8.12 -9.04 7.85
N GLU F 121 -7.05 -8.51 7.27
CA GLU F 121 -5.91 -9.34 6.92
C GLU F 121 -5.25 -9.91 8.17
N THR F 122 -4.82 -11.16 8.09
CA THR F 122 -4.20 -11.85 9.21
C THR F 122 -2.71 -11.55 9.27
N CYS F 123 -2.23 -11.23 10.47
CA CYS F 123 -0.82 -10.96 10.71
C CYS F 123 -0.16 -12.24 11.21
N TYR F 124 0.62 -12.89 10.34
CA TYR F 124 1.32 -14.15 10.72
C TYR F 124 2.34 -13.84 11.82
N THR F 125 3.32 -12.98 11.51
CA THR F 125 4.40 -12.67 12.48
C THR F 125 4.12 -11.34 13.18
N TYR F 126 4.89 -11.03 14.23
CA TYR F 126 4.73 -9.75 14.96
C TYR F 126 5.47 -8.64 14.22
N ASP F 127 5.19 -7.38 14.59
CA ASP F 127 5.90 -6.23 13.97
C ASP F 127 6.77 -5.55 15.04
N ARG F 128 8.03 -5.29 14.71
CA ARG F 128 8.95 -4.62 15.68
C ARG F 128 8.42 -3.22 16.02
N ASN F 129 7.89 -2.51 15.01
CA ASN F 129 7.41 -1.11 15.22
C ASN F 129 6.09 -1.11 15.99
N LYS F 130 5.61 -2.28 16.43
CA LYS F 130 4.28 -2.35 17.09
C LYS F 130 4.41 -3.01 18.47
N CYS F 131 3.50 -2.70 19.39
CA CYS F 131 3.52 -3.28 20.76
C CYS F 131 2.33 -4.22 20.93
N TYR F 132 2.56 -5.41 21.51
CA TYR F 132 1.47 -6.40 21.71
C TYR F 132 1.27 -6.61 23.22
N THR F 133 0.05 -6.40 23.71
CA THR F 133 -0.21 -6.51 25.18
C THR F 133 -1.42 -7.42 25.43
N ALA F 134 -1.64 -7.81 26.69
CA ALA F 134 -2.77 -8.72 27.03
C ALA F 134 -3.25 -8.47 28.46
N VAL F 135 -4.39 -9.06 28.83
CA VAL F 135 -4.94 -8.90 30.17
C VAL F 135 -4.90 -10.25 30.87
N VAL F 136 -4.36 -10.28 32.09
CA VAL F 136 -4.22 -11.57 32.83
C VAL F 136 -4.67 -11.36 34.29
N PRO F 137 -5.47 -12.29 34.87
CA PRO F 137 -5.87 -12.19 36.28
C PRO F 137 -4.71 -12.55 37.22
N LEU F 138 -4.43 -11.69 38.20
CA LEU F 138 -3.37 -12.00 39.21
C LEU F 138 -4.01 -12.06 40.60
N VAL F 139 -3.92 -13.21 41.27
CA VAL F 139 -4.57 -13.38 42.59
C VAL F 139 -3.50 -13.34 43.69
N TYR F 140 -3.78 -12.64 44.79
CA TYR F 140 -2.81 -12.52 45.91
C TYR F 140 -3.59 -12.14 47.16
N GLY F 141 -3.64 -13.01 48.16
CA GLY F 141 -4.45 -12.72 49.32
C GLY F 141 -5.93 -12.59 49.02
N GLY F 142 -6.42 -13.34 48.05
CA GLY F 142 -7.83 -13.31 47.68
C GLY F 142 -8.21 -12.33 46.59
N GLU F 143 -7.73 -11.10 46.70
CA GLU F 143 -8.07 -10.07 45.72
C GLU F 143 -7.47 -10.39 44.36
N THR F 144 -8.20 -10.06 43.30
CA THR F 144 -7.71 -10.37 41.93
C THR F 144 -7.42 -9.05 41.18
N LYS F 145 -6.16 -8.83 40.79
CA LYS F 145 -5.80 -7.56 40.10
C LYS F 145 -5.39 -7.88 38.65
N MET F 146 -6.23 -7.51 37.68
CA MET F 146 -5.88 -7.71 36.25
C MET F 146 -4.82 -6.68 35.87
N VAL F 147 -3.75 -7.11 35.17
CA VAL F 147 -2.63 -6.19 34.82
C VAL F 147 -2.25 -6.39 33.36
N GLU F 148 -1.84 -5.30 32.68
CA GLU F 148 -1.44 -5.39 31.25
C GLU F 148 -0.09 -6.10 31.14
N THR F 149 0.03 -7.05 30.22
CA THR F 149 1.26 -7.82 30.06
C THR F 149 1.96 -7.45 28.76
N ALA F 150 3.10 -8.09 28.54
CA ALA F 150 3.89 -7.92 27.32
C ALA F 150 4.14 -9.29 26.71
N LEU F 151 3.30 -9.65 25.74
CA LEU F 151 3.48 -10.93 25.05
C LEU F 151 4.81 -10.98 24.31
N THR F 152 5.16 -9.89 23.63
CA THR F 152 6.45 -9.81 22.97
C THR F 152 7.58 -9.72 24.00
N PRO F 153 8.79 -10.20 23.65
CA PRO F 153 9.90 -10.16 24.62
C PRO F 153 10.25 -8.75 25.07
N ASP F 154 10.64 -7.88 24.14
CA ASP F 154 10.95 -6.50 24.47
C ASP F 154 10.04 -5.51 23.77
N ALA F 155 10.04 -5.51 22.44
CA ALA F 155 9.21 -4.58 21.64
C ALA F 155 9.39 -3.15 22.17
N CYS F 156 8.28 -2.43 22.40
CA CYS F 156 8.36 -1.02 22.84
C CYS F 156 8.21 -0.94 24.36
N TYR F 157 8.44 0.26 24.94
CA TYR F 157 8.28 0.46 26.40
C TYR F 157 7.06 1.34 26.64
N PRO F 158 6.40 1.28 27.81
CA PRO F 158 5.27 2.16 28.11
C PRO F 158 5.75 3.57 28.45
#